data_2BY4
#
_entry.id   2BY4
#
_cell.length_a   71.739
_cell.length_b   71.739
_cell.length_c   593.656
_cell.angle_alpha   90.00
_cell.angle_beta   90.00
_cell.angle_gamma   90.00
#
_symmetry.space_group_name_H-M   'P 41 21 2'
#
loop_
_entity.id
_entity.type
_entity.pdbx_description
1 polymer 'SARCOPLASMIC/ENDOPLASMIC RETICULUM CALCIUM ATPASE 1'
2 non-polymer '(3S,3AR,4S,6S,6AR,7S,8S,9BS)-6-(ACETYLOXY)-3,3A-DIHYDROXY-3,6,9-TRIMETHYL-8-{[(2Z)-2-METHYLBUT-2-ENOYL]OXY}-7-(OCTANOYLOXY)-2-OXO-2,3,3A,4,5,6,6A,7,8,9B-DECAHYDROAZULENO[4,5-B]FURAN-4-YL 12-[(TERT-BUTOXYCARBONYL)AMINO]DODECANOATE'
3 non-polymer 'PHOSPHOMETHYLPHOSPHONIC ACID ADENYLATE ESTER'
4 non-polymer 'MAGNESIUM ION'
5 non-polymer 'SODIUM ION'
#
_entity_poly.entity_id   1
_entity_poly.type   'polypeptide(L)'
_entity_poly.pdbx_seq_one_letter_code
;MEAAHSKSTEECLAYFGVSETTGLTPDQVKRHLEKYGHNELPAEEGKSLWELVIEQFEDLLVRILLLAACISFVLAWFEE
GEETITAFVEPFVILLILIANAIVGVWQERNAENAIEALKEYEPEMGKVYRADRKSVQRIKARDIVPGDIVEVAVGDKVP
ADIRILSIKSTTLRVDQSILTGESVSVIKHTEPVPDPRAVNQDKKNMLFSGTNIAAGKALGIVATTGVSTEIGKIRDQMA
ATEQDKTPLQQKLDEFGEQLSKVISLICVAVWLINIGHFNDPVHGGSWIRGAIYYFKIAVALAVAAIPEGLPAVITTCLA
LGTRRMAKKNAIVRSLPSVETLGCTSVICSDKTGTLTTNQMSVCKMFIIDKVDGDFCSLNEFSITGSTYAPEGEVLKNDK
PIRSGQFDGLVELATICALCNDSSLDFNETKGVYEKVGEATETALTTLVEKMNVFNTEVRNLSKVERANACNSVIRQLMK
KEFTLEFSRDRKSMSVYCSPAKSSRAAVGNKMFVKGAPEGVIDRCNYVRVGTTRVPMTGPVKEKILSVIKEWGTGRDTLR
CLALATRDTPPKREEMVLDDSSRFMEYETDLTFVGVVGMLDPPRKEVMGSIQLCRDAGIRVIMITGDNKGTAIAICRRIG
IFGENEEVADRAYTGREFDDLPLAEQREACRRACCFARVEPSHKSKIVEYLQSYDEITAMTGDGVNDAPALKKAEIGIAM
GSGTAVAKTASEMVLADDNFSTIVAAVEEGRAIYNNMKQFIRYLISSNVGEVVCIFLTAALGLPEALIPVQLLWVNLVTD
GLPATALGFNPPDLDIMDRPPRSPKEPLISGWLFFRYMAIGGYVGAATVGAAAWWFMYAEDGPGVTYHQLTHFMQCTEDH
PHFEGLDCEIFEAPEPMTMALSVLVTIEMCNALNSLSENQSLMRMPPWVNIWLLGSICLSMSLHFLILYVDPLPMIFKLK
ALDLTQWLMVLKISLPVIGLDEILKFIARNYLEG
;
_entity_poly.pdbx_strand_id   A
#
loop_
_chem_comp.id
_chem_comp.type
_chem_comp.name
_chem_comp.formula
ACP non-polymer 'PHOSPHOMETHYLPHOSPHONIC ACID ADENYLATE ESTER' 'C11 H18 N5 O12 P3'
AD4 non-polymer '(3S,3AR,4S,6S,6AR,7S,8S,9BS)-6-(ACETYLOXY)-3,3A-DIHYDROXY-3,6,9-TRIMETHYL-8-{[(2Z)-2-METHYLBUT-2-ENOYL]OXY}-7-(OCTANOYLOXY)-2-OXO-2,3,3A,4,5,6,6A,7,8,9B-DECAHYDROAZULENO[4,5-B]FURAN-4-YL 12-[(TERT-BUTOXYCARBONYL)AMINO]DODECANOATE' 'C47 H75 N O14'
MG non-polymer 'MAGNESIUM ION' 'Mg 2'
NA non-polymer 'SODIUM ION' 'Na 1'
#
# COMPACT_ATOMS: atom_id res chain seq x y z
N MET A 1 21.62 -26.88 11.15
CA MET A 1 21.30 -25.41 11.23
C MET A 1 22.42 -24.70 11.93
N GLU A 2 22.92 -23.67 11.25
CA GLU A 2 24.00 -22.86 11.76
C GLU A 2 23.85 -21.40 11.45
N ALA A 3 23.76 -20.59 12.49
CA ALA A 3 23.72 -19.16 12.26
C ALA A 3 25.21 -18.78 11.98
N ALA A 4 26.02 -19.74 11.49
CA ALA A 4 27.46 -19.52 11.18
C ALA A 4 27.92 -19.33 9.74
N HIS A 5 28.38 -18.11 9.53
CA HIS A 5 28.88 -17.57 8.28
C HIS A 5 30.09 -16.86 8.82
N SER A 6 30.12 -16.81 10.14
CA SER A 6 31.18 -16.17 10.91
C SER A 6 32.18 -17.26 11.29
N LYS A 7 31.79 -18.51 11.07
CA LYS A 7 32.70 -19.61 11.39
C LYS A 7 33.67 -19.94 10.25
N SER A 8 34.78 -20.59 10.61
CA SER A 8 35.79 -20.95 9.63
C SER A 8 35.14 -21.95 8.73
N THR A 9 35.72 -22.17 7.55
CA THR A 9 35.17 -23.13 6.61
C THR A 9 35.23 -24.57 7.20
N GLU A 10 36.28 -24.89 7.95
CA GLU A 10 36.38 -26.23 8.53
C GLU A 10 35.47 -26.31 9.73
N GLU A 11 35.27 -25.19 10.41
CA GLU A 11 34.41 -25.21 11.56
C GLU A 11 33.01 -25.74 11.25
N CYS A 12 32.46 -25.40 10.08
CA CYS A 12 31.14 -25.91 9.69
C CYS A 12 31.21 -27.40 9.38
N LEU A 13 32.18 -27.76 8.54
CA LEU A 13 32.40 -29.14 8.12
C LEU A 13 32.57 -29.96 9.37
N ALA A 14 33.02 -29.28 10.41
CA ALA A 14 33.20 -29.90 11.70
C ALA A 14 31.79 -30.16 12.25
N TYR A 15 31.11 -29.09 12.67
CA TYR A 15 29.75 -29.14 13.25
C TYR A 15 28.90 -30.26 12.68
N PHE A 16 28.59 -30.20 11.40
CA PHE A 16 27.78 -31.25 10.79
C PHE A 16 28.47 -32.62 10.74
N GLY A 17 29.80 -32.60 10.83
CA GLY A 17 30.57 -33.82 10.77
C GLY A 17 30.33 -34.42 9.39
N VAL A 18 30.68 -33.65 8.36
CA VAL A 18 30.49 -34.11 6.98
C VAL A 18 31.75 -33.93 6.13
N SER A 19 31.99 -34.92 5.26
CA SER A 19 33.16 -34.93 4.37
C SER A 19 32.97 -34.06 3.13
N GLU A 20 33.68 -32.94 3.07
CA GLU A 20 33.60 -32.01 1.93
C GLU A 20 33.92 -32.75 0.64
N THR A 21 34.40 -33.97 0.82
CA THR A 21 34.78 -34.83 -0.29
C THR A 21 33.71 -35.85 -0.60
N THR A 22 33.11 -36.41 0.44
CA THR A 22 32.10 -37.45 0.26
C THR A 22 30.66 -37.00 0.38
N GLY A 23 30.41 -36.16 1.35
CA GLY A 23 29.06 -35.68 1.56
C GLY A 23 28.42 -36.40 2.73
N LEU A 24 27.10 -36.47 2.71
CA LEU A 24 26.38 -37.15 3.78
C LEU A 24 25.99 -38.56 3.37
N THR A 25 26.27 -39.51 4.24
CA THR A 25 25.91 -40.89 3.95
C THR A 25 24.40 -41.01 4.14
N PRO A 26 23.73 -41.81 3.30
CA PRO A 26 22.28 -42.01 3.38
C PRO A 26 21.74 -42.11 4.80
N ASP A 27 22.60 -42.42 5.77
CA ASP A 27 22.15 -42.51 7.15
C ASP A 27 21.96 -41.06 7.63
N GLN A 28 23.07 -40.32 7.58
CA GLN A 28 23.07 -38.93 7.98
C GLN A 28 21.82 -38.23 7.45
N VAL A 29 21.42 -38.58 6.23
CA VAL A 29 20.23 -38.01 5.64
C VAL A 29 18.98 -38.39 6.44
N LYS A 30 18.75 -39.69 6.59
CA LYS A 30 17.60 -40.20 7.33
C LYS A 30 17.53 -39.54 8.70
N ARG A 31 18.70 -39.22 9.26
CA ARG A 31 18.76 -38.60 10.57
C ARG A 31 18.71 -37.08 10.54
N HIS A 32 19.36 -36.48 9.55
CA HIS A 32 19.36 -35.02 9.44
C HIS A 32 17.98 -34.49 9.09
N LEU A 33 17.34 -35.15 8.13
CA LEU A 33 16.03 -34.75 7.66
C LEU A 33 14.93 -34.96 8.69
N GLU A 34 15.22 -35.71 9.74
CA GLU A 34 14.23 -35.98 10.78
C GLU A 34 14.40 -35.02 11.97
N LYS A 35 15.45 -34.23 11.92
CA LYS A 35 15.73 -33.27 12.98
C LYS A 35 15.55 -31.94 12.31
N TYR A 36 15.66 -31.96 10.99
CA TYR A 36 15.54 -30.75 10.20
C TYR A 36 14.36 -30.76 9.22
N GLY A 37 13.78 -31.93 8.96
CA GLY A 37 12.66 -31.98 8.04
C GLY A 37 13.07 -31.52 6.66
N HIS A 38 12.10 -31.39 5.77
CA HIS A 38 12.41 -30.96 4.41
C HIS A 38 12.68 -29.48 4.27
N ASN A 39 13.50 -29.13 3.27
CA ASN A 39 13.83 -27.75 2.95
C ASN A 39 12.71 -27.27 2.03
N GLU A 40 11.77 -26.51 2.59
CA GLU A 40 10.60 -26.08 1.82
C GLU A 40 9.75 -25.14 2.71
N LEU A 41 8.97 -24.22 2.14
CA LEU A 41 8.14 -23.34 2.99
C LEU A 41 6.74 -23.90 3.07
N PRO A 42 6.24 -24.12 4.29
CA PRO A 42 4.89 -24.65 4.58
C PRO A 42 3.81 -24.22 3.60
N ALA A 43 2.93 -25.17 3.23
CA ALA A 43 1.83 -24.94 2.30
C ALA A 43 0.80 -23.98 2.86
N GLU A 44 -0.20 -23.64 2.06
CA GLU A 44 -1.26 -22.71 2.47
C GLU A 44 -2.48 -23.43 3.02
N GLU A 45 -3.44 -22.64 3.54
CA GLU A 45 -4.68 -23.17 4.09
C GLU A 45 -5.87 -22.59 3.31
N GLY A 46 -6.29 -23.31 2.26
CA GLY A 46 -7.39 -22.81 1.45
C GLY A 46 -8.74 -23.38 1.82
N LYS A 47 -9.63 -22.52 2.29
CA LYS A 47 -10.97 -22.97 2.66
C LYS A 47 -11.75 -23.39 1.42
N SER A 48 -12.73 -24.26 1.63
CA SER A 48 -13.57 -24.76 0.55
C SER A 48 -14.71 -23.79 0.32
N LEU A 49 -15.42 -23.98 -0.77
CA LEU A 49 -16.55 -23.11 -1.05
C LEU A 49 -17.44 -23.24 0.16
N TRP A 50 -17.51 -24.47 0.67
CA TRP A 50 -18.30 -24.81 1.84
C TRP A 50 -17.96 -23.79 2.90
N GLU A 51 -16.68 -23.80 3.25
CA GLU A 51 -16.14 -22.91 4.26
C GLU A 51 -16.37 -21.45 3.83
N LEU A 52 -16.13 -21.15 2.56
CA LEU A 52 -16.34 -19.79 2.08
C LEU A 52 -17.81 -19.41 2.27
N VAL A 53 -18.71 -20.11 1.59
CA VAL A 53 -20.13 -19.82 1.71
C VAL A 53 -20.47 -19.58 3.18
N ILE A 54 -20.05 -20.48 4.04
CA ILE A 54 -20.34 -20.33 5.46
C ILE A 54 -19.93 -18.99 6.07
N GLU A 55 -18.87 -18.37 5.57
CA GLU A 55 -18.49 -17.07 6.11
C GLU A 55 -19.52 -16.06 5.60
N GLN A 56 -19.93 -16.25 4.35
CA GLN A 56 -20.92 -15.40 3.68
C GLN A 56 -22.24 -15.41 4.43
N PHE A 57 -22.35 -16.29 5.43
CA PHE A 57 -23.54 -16.44 6.24
C PHE A 57 -23.16 -16.36 7.71
N GLU A 58 -22.11 -15.58 7.98
CA GLU A 58 -21.61 -15.40 9.33
C GLU A 58 -21.79 -13.95 9.79
N ASP A 59 -22.38 -13.12 8.93
CA ASP A 59 -22.65 -11.73 9.29
C ASP A 59 -23.97 -11.72 10.06
N LEU A 60 -24.11 -10.82 11.01
CA LEU A 60 -25.33 -10.77 11.78
C LEU A 60 -26.48 -10.35 10.88
N LEU A 61 -26.21 -9.40 9.97
CA LEU A 61 -27.23 -8.90 9.05
C LEU A 61 -27.65 -9.91 8.00
N VAL A 62 -26.71 -10.66 7.45
CA VAL A 62 -27.06 -11.69 6.46
C VAL A 62 -27.89 -12.76 7.14
N ARG A 63 -27.60 -13.01 8.42
CA ARG A 63 -28.33 -14.01 9.16
C ARG A 63 -29.71 -13.50 9.46
N ILE A 64 -29.77 -12.34 10.12
CA ILE A 64 -31.06 -11.75 10.44
C ILE A 64 -31.92 -11.73 9.19
N LEU A 65 -31.29 -11.69 8.03
CA LEU A 65 -32.03 -11.73 6.79
C LEU A 65 -32.42 -13.14 6.40
N LEU A 66 -31.62 -14.12 6.84
CA LEU A 66 -31.90 -15.51 6.52
C LEU A 66 -33.02 -16.08 7.40
N LEU A 67 -33.03 -15.67 8.67
CA LEU A 67 -34.06 -16.13 9.58
C LEU A 67 -35.41 -15.59 9.10
N ALA A 68 -35.38 -14.34 8.63
CA ALA A 68 -36.57 -13.66 8.15
C ALA A 68 -37.11 -14.30 6.88
N ALA A 69 -36.21 -14.65 5.96
CA ALA A 69 -36.60 -15.27 4.70
C ALA A 69 -37.23 -16.64 4.96
N CYS A 70 -36.94 -17.22 6.13
CA CYS A 70 -37.50 -18.51 6.51
C CYS A 70 -38.93 -18.31 6.94
N ILE A 71 -39.13 -17.35 7.84
CA ILE A 71 -40.46 -17.05 8.34
C ILE A 71 -41.36 -16.68 7.15
N SER A 72 -40.82 -15.96 6.17
CA SER A 72 -41.60 -15.59 4.99
C SER A 72 -41.90 -16.85 4.18
N PHE A 73 -40.89 -17.68 3.96
CA PHE A 73 -41.07 -18.92 3.21
C PHE A 73 -42.09 -19.80 3.92
N VAL A 74 -42.01 -19.82 5.25
CA VAL A 74 -42.91 -20.60 6.09
C VAL A 74 -44.33 -20.07 6.01
N LEU A 75 -44.49 -18.76 5.95
CA LEU A 75 -45.84 -18.19 5.85
C LEU A 75 -46.41 -18.43 4.45
N ALA A 76 -45.59 -18.19 3.43
CA ALA A 76 -45.99 -18.36 2.03
C ALA A 76 -46.39 -19.79 1.68
N TRP A 77 -46.78 -20.54 2.70
CA TRP A 77 -47.19 -21.92 2.49
C TRP A 77 -48.32 -22.15 3.48
N PHE A 78 -49.03 -21.08 3.84
CA PHE A 78 -50.14 -21.20 4.78
C PHE A 78 -51.49 -20.71 4.30
N GLU A 79 -51.60 -20.35 3.03
CA GLU A 79 -52.88 -19.92 2.45
C GLU A 79 -53.30 -21.02 1.47
N GLU A 80 -54.60 -21.15 1.22
CA GLU A 80 -55.11 -22.16 0.29
C GLU A 80 -55.99 -21.57 -0.80
N GLY A 81 -55.56 -20.42 -1.32
CA GLY A 81 -56.31 -19.77 -2.38
C GLY A 81 -55.54 -19.74 -3.68
N GLU A 82 -56.26 -19.82 -4.79
CA GLU A 82 -55.62 -19.80 -6.10
C GLU A 82 -54.95 -18.45 -6.34
N GLU A 83 -55.58 -17.39 -5.84
CA GLU A 83 -55.08 -16.03 -6.00
C GLU A 83 -53.82 -15.76 -5.20
N THR A 84 -53.72 -16.38 -4.03
CA THR A 84 -52.55 -16.18 -3.20
C THR A 84 -51.37 -17.06 -3.66
N ILE A 85 -50.96 -16.90 -4.94
CA ILE A 85 -49.84 -17.65 -5.54
C ILE A 85 -48.53 -16.85 -5.55
N THR A 86 -48.65 -15.53 -5.54
CA THR A 86 -47.48 -14.66 -5.52
C THR A 86 -46.87 -14.72 -4.12
N ALA A 87 -47.28 -15.73 -3.36
CA ALA A 87 -46.80 -15.92 -2.00
C ALA A 87 -45.35 -16.32 -1.92
N PHE A 88 -44.82 -16.89 -3.00
CA PHE A 88 -43.41 -17.28 -2.99
C PHE A 88 -42.43 -16.31 -3.67
N VAL A 89 -42.79 -15.03 -3.75
CA VAL A 89 -41.91 -14.02 -4.35
C VAL A 89 -41.17 -13.25 -3.27
N GLU A 90 -41.75 -13.21 -2.07
CA GLU A 90 -41.11 -12.52 -0.97
C GLU A 90 -39.97 -13.38 -0.42
N PRO A 91 -40.28 -14.51 0.22
CA PRO A 91 -39.20 -15.36 0.75
C PRO A 91 -38.23 -15.90 -0.32
N PHE A 92 -38.52 -15.56 -1.58
CA PHE A 92 -37.72 -15.98 -2.72
C PHE A 92 -36.64 -14.94 -3.02
N VAL A 93 -37.05 -13.68 -3.06
CA VAL A 93 -36.10 -12.61 -3.33
C VAL A 93 -35.10 -12.49 -2.21
N ILE A 94 -35.59 -12.39 -0.98
CA ILE A 94 -34.69 -12.28 0.15
C ILE A 94 -33.56 -13.30 -0.01
N LEU A 95 -33.92 -14.55 -0.21
CA LEU A 95 -32.90 -15.56 -0.41
C LEU A 95 -32.00 -15.11 -1.56
N LEU A 96 -32.60 -14.87 -2.72
CA LEU A 96 -31.88 -14.42 -3.91
C LEU A 96 -30.82 -13.38 -3.62
N ILE A 97 -31.18 -12.37 -2.83
CA ILE A 97 -30.23 -11.34 -2.47
C ILE A 97 -29.14 -11.97 -1.62
N LEU A 98 -29.53 -12.61 -0.52
CA LEU A 98 -28.55 -13.26 0.35
C LEU A 98 -27.68 -14.24 -0.43
N ILE A 99 -28.26 -14.83 -1.46
CA ILE A 99 -27.53 -15.78 -2.29
C ILE A 99 -26.51 -15.04 -3.13
N ALA A 100 -26.91 -13.90 -3.70
CA ALA A 100 -26.01 -13.11 -4.54
C ALA A 100 -24.79 -12.63 -3.77
N ASN A 101 -24.86 -12.68 -2.45
CA ASN A 101 -23.72 -12.27 -1.63
C ASN A 101 -22.76 -13.42 -1.69
N ALA A 102 -23.10 -14.47 -0.98
CA ALA A 102 -22.30 -15.67 -0.94
C ALA A 102 -21.60 -15.83 -2.29
N ILE A 103 -22.37 -15.69 -3.36
CA ILE A 103 -21.84 -15.81 -4.71
C ILE A 103 -20.67 -14.84 -4.90
N VAL A 104 -20.92 -13.56 -4.61
CA VAL A 104 -19.90 -12.53 -4.77
C VAL A 104 -18.76 -12.61 -3.74
N GLY A 105 -19.11 -12.87 -2.48
CA GLY A 105 -18.07 -12.98 -1.46
C GLY A 105 -17.07 -14.05 -1.81
N VAL A 106 -17.53 -15.13 -2.44
CA VAL A 106 -16.63 -16.22 -2.80
C VAL A 106 -15.77 -15.85 -4.01
N TRP A 107 -16.38 -15.45 -5.12
CA TRP A 107 -15.61 -15.06 -6.31
C TRP A 107 -14.70 -13.90 -5.89
N GLN A 108 -15.19 -13.10 -4.95
CA GLN A 108 -14.42 -11.98 -4.44
C GLN A 108 -13.08 -12.54 -3.94
N GLU A 109 -13.17 -13.50 -3.03
CA GLU A 109 -11.98 -14.10 -2.47
C GLU A 109 -11.22 -14.97 -3.47
N ARG A 110 -11.91 -15.88 -4.15
CA ARG A 110 -11.26 -16.77 -5.13
C ARG A 110 -10.20 -16.12 -6.01
N ASN A 111 -10.33 -14.83 -6.30
CA ASN A 111 -9.37 -14.19 -7.17
C ASN A 111 -8.23 -13.45 -6.48
N ALA A 112 -8.28 -13.38 -5.16
CA ALA A 112 -7.23 -12.71 -4.38
C ALA A 112 -6.15 -13.73 -4.02
N GLU A 113 -4.88 -13.31 -3.98
CA GLU A 113 -3.78 -14.23 -3.67
C GLU A 113 -3.01 -13.89 -2.40
N ASN A 114 -2.28 -14.88 -1.88
CA ASN A 114 -1.48 -14.71 -0.67
C ASN A 114 -0.10 -14.15 -0.98
N ALA A 115 0.34 -13.21 -0.17
CA ALA A 115 1.65 -12.63 -0.38
C ALA A 115 2.66 -13.76 -0.29
N ILE A 116 2.42 -14.68 0.64
CA ILE A 116 3.32 -15.80 0.83
C ILE A 116 3.27 -16.79 -0.34
N GLU A 117 2.11 -16.95 -0.94
CA GLU A 117 1.97 -17.84 -2.09
C GLU A 117 2.94 -17.34 -3.16
N ALA A 118 3.32 -16.07 -3.04
CA ALA A 118 4.21 -15.42 -3.99
C ALA A 118 5.66 -15.72 -3.69
N LEU A 119 5.95 -16.04 -2.44
CA LEU A 119 7.30 -16.35 -2.02
C LEU A 119 7.77 -17.67 -2.61
N LYS A 120 6.95 -18.70 -2.43
CA LYS A 120 7.25 -20.03 -2.93
C LYS A 120 7.62 -20.00 -4.41
N GLU A 121 7.56 -18.80 -4.99
CA GLU A 121 7.92 -18.63 -6.38
C GLU A 121 9.43 -18.48 -6.44
N TYR A 122 10.06 -18.39 -5.28
CA TYR A 122 11.53 -18.26 -5.18
C TYR A 122 12.25 -19.55 -4.87
N GLU A 123 11.49 -20.59 -4.57
CA GLU A 123 12.05 -21.90 -4.24
C GLU A 123 12.33 -22.66 -5.52
N PRO A 124 13.56 -23.16 -5.68
CA PRO A 124 13.86 -23.91 -6.90
C PRO A 124 13.35 -25.32 -6.71
N GLU A 125 13.09 -26.04 -7.81
CA GLU A 125 12.59 -27.40 -7.69
C GLU A 125 13.70 -28.42 -7.49
N MET A 126 14.75 -28.31 -8.30
CA MET A 126 15.86 -29.24 -8.18
C MET A 126 17.07 -28.56 -7.57
N GLY A 127 17.99 -29.36 -7.05
CA GLY A 127 19.21 -28.89 -6.43
C GLY A 127 20.36 -29.79 -6.83
N LYS A 128 21.60 -29.40 -6.54
CA LYS A 128 22.77 -30.20 -6.91
C LYS A 128 23.65 -30.49 -5.69
N VAL A 129 23.71 -31.76 -5.26
CA VAL A 129 24.52 -32.11 -4.08
C VAL A 129 25.52 -33.25 -4.25
N TYR A 130 26.31 -33.43 -3.20
CA TYR A 130 27.31 -34.48 -3.15
C TYR A 130 27.09 -35.22 -1.83
N ARG A 131 26.93 -36.54 -1.93
CA ARG A 131 26.72 -37.40 -0.78
C ARG A 131 27.49 -38.70 -0.95
N ALA A 132 27.49 -39.51 0.10
CA ALA A 132 28.22 -40.77 0.11
C ALA A 132 27.82 -41.86 -0.89
N ASP A 133 26.67 -41.74 -1.55
CA ASP A 133 26.26 -42.80 -2.48
C ASP A 133 26.56 -42.62 -3.98
N ARG A 134 27.66 -41.91 -4.27
CA ARG A 134 28.15 -41.65 -5.63
C ARG A 134 29.21 -40.54 -5.65
N LYS A 135 30.13 -40.62 -6.61
CA LYS A 135 31.20 -39.62 -6.73
C LYS A 135 30.71 -38.49 -7.59
N SER A 136 30.00 -38.83 -8.65
CA SER A 136 29.47 -37.83 -9.55
C SER A 136 28.30 -37.06 -8.89
N VAL A 137 28.02 -35.86 -9.38
CA VAL A 137 26.96 -35.02 -8.83
C VAL A 137 25.57 -35.61 -8.95
N GLN A 138 24.80 -35.44 -7.88
CA GLN A 138 23.43 -35.92 -7.84
C GLN A 138 22.54 -34.69 -7.92
N ARG A 139 21.49 -34.77 -8.74
CA ARG A 139 20.55 -33.68 -8.90
C ARG A 139 19.23 -34.10 -8.26
N ILE A 140 18.96 -33.58 -7.08
CA ILE A 140 17.74 -33.91 -6.35
C ILE A 140 16.70 -32.79 -6.33
N LYS A 141 15.80 -32.85 -5.34
CA LYS A 141 14.73 -31.85 -5.19
C LYS A 141 14.90 -30.93 -3.98
N ALA A 142 14.91 -29.63 -4.25
CA ALA A 142 15.07 -28.60 -3.23
C ALA A 142 14.73 -29.06 -1.82
N ARG A 143 13.54 -29.58 -1.68
CA ARG A 143 13.07 -30.03 -0.39
C ARG A 143 13.83 -31.20 0.17
N ASP A 144 14.24 -32.13 -0.69
CA ASP A 144 14.99 -33.28 -0.20
C ASP A 144 16.38 -32.86 0.26
N ILE A 145 16.70 -31.57 0.19
CA ILE A 145 18.01 -31.15 0.64
C ILE A 145 17.97 -30.91 2.12
N VAL A 146 19.03 -31.36 2.79
CA VAL A 146 19.14 -31.27 4.24
C VAL A 146 20.32 -30.40 4.71
N PRO A 147 20.19 -29.79 5.91
CA PRO A 147 21.27 -28.97 6.43
C PRO A 147 22.51 -29.82 6.55
N GLY A 148 23.54 -29.49 5.79
CA GLY A 148 24.77 -30.26 5.87
C GLY A 148 25.39 -30.71 4.56
N ASP A 149 24.76 -31.70 3.91
CA ASP A 149 25.27 -32.24 2.67
C ASP A 149 25.86 -31.15 1.78
N ILE A 150 26.89 -31.54 1.03
CA ILE A 150 27.59 -30.63 0.15
C ILE A 150 26.84 -30.38 -1.13
N VAL A 151 26.68 -29.12 -1.44
CA VAL A 151 25.96 -28.74 -2.64
C VAL A 151 26.88 -27.90 -3.48
N GLU A 152 26.65 -27.94 -4.78
CA GLU A 152 27.45 -27.16 -5.68
C GLU A 152 26.52 -26.27 -6.47
N VAL A 153 26.99 -25.09 -6.81
CA VAL A 153 26.17 -24.18 -7.56
C VAL A 153 26.89 -23.68 -8.79
N ALA A 154 26.12 -23.44 -9.85
CA ALA A 154 26.65 -22.96 -11.13
C ALA A 154 25.97 -21.69 -11.61
N VAL A 155 26.65 -20.97 -12.50
CA VAL A 155 26.16 -19.72 -13.07
C VAL A 155 24.66 -19.67 -13.31
N GLY A 156 24.09 -20.71 -13.88
CA GLY A 156 22.66 -20.65 -14.13
C GLY A 156 21.76 -21.32 -13.10
N ASP A 157 22.04 -21.19 -11.81
CA ASP A 157 21.20 -21.85 -10.83
C ASP A 157 20.56 -20.86 -9.86
N LYS A 158 19.41 -21.25 -9.30
CA LYS A 158 18.70 -20.46 -8.29
C LYS A 158 19.12 -21.15 -7.00
N VAL A 159 19.58 -20.38 -6.03
CA VAL A 159 20.06 -20.93 -4.76
C VAL A 159 19.06 -21.53 -3.78
N PRO A 160 19.10 -22.86 -3.62
CA PRO A 160 18.20 -23.55 -2.69
C PRO A 160 18.85 -23.51 -1.33
N ALA A 161 18.15 -23.19 -0.26
CA ALA A 161 18.82 -23.20 1.07
C ALA A 161 20.01 -22.26 1.20
N ASP A 162 20.26 -21.84 2.43
CA ASP A 162 21.37 -20.95 2.74
C ASP A 162 22.69 -21.69 2.93
N ILE A 163 23.59 -21.48 1.97
CA ILE A 163 24.87 -22.16 1.93
C ILE A 163 26.09 -21.37 2.35
N ARG A 164 26.81 -21.90 3.34
CA ARG A 164 28.07 -21.30 3.76
C ARG A 164 28.98 -21.86 2.68
N ILE A 165 29.69 -20.98 1.97
CA ILE A 165 30.53 -21.39 0.87
C ILE A 165 31.86 -22.04 1.24
N LEU A 166 32.07 -23.25 0.71
CA LEU A 166 33.28 -24.02 0.99
C LEU A 166 34.47 -23.78 0.05
N SER A 167 34.23 -23.66 -1.25
CA SER A 167 35.30 -23.45 -2.23
C SER A 167 34.78 -22.95 -3.58
N ILE A 168 35.45 -21.94 -4.13
CA ILE A 168 35.03 -21.38 -5.39
C ILE A 168 35.82 -21.85 -6.60
N LYS A 169 35.25 -22.81 -7.32
CA LYS A 169 35.85 -23.40 -8.52
C LYS A 169 36.15 -22.37 -9.61
N SER A 170 35.18 -21.52 -9.90
CA SER A 170 35.37 -20.48 -10.90
C SER A 170 36.50 -19.57 -10.43
N THR A 171 36.89 -18.66 -11.31
CA THR A 171 37.96 -17.72 -11.01
C THR A 171 37.32 -16.65 -10.13
N THR A 172 35.99 -16.57 -10.20
CA THR A 172 35.22 -15.60 -9.46
C THR A 172 33.78 -16.09 -9.28
N LEU A 173 33.10 -15.63 -8.22
CA LEU A 173 31.71 -16.00 -7.99
C LEU A 173 30.80 -14.78 -7.86
N ARG A 174 29.81 -14.69 -8.75
CA ARG A 174 28.87 -13.58 -8.79
C ARG A 174 27.51 -13.98 -8.26
N VAL A 175 26.83 -13.04 -7.63
CA VAL A 175 25.52 -13.32 -7.07
C VAL A 175 24.52 -12.18 -7.19
N ASP A 176 23.29 -12.55 -7.51
CA ASP A 176 22.22 -11.57 -7.62
C ASP A 176 21.42 -11.72 -6.35
N GLN A 177 21.68 -10.86 -5.38
CA GLN A 177 20.98 -10.93 -4.10
C GLN A 177 19.81 -9.93 -4.12
N SER A 178 19.71 -9.22 -5.23
CA SER A 178 18.66 -8.26 -5.46
C SER A 178 17.41 -8.45 -4.61
N ILE A 179 16.60 -9.42 -5.04
CA ILE A 179 15.34 -9.74 -4.41
C ILE A 179 15.28 -9.60 -2.90
N LEU A 180 16.28 -10.08 -2.17
CA LEU A 180 16.18 -9.98 -0.73
C LEU A 180 17.23 -9.16 -0.03
N THR A 181 17.93 -8.32 -0.78
CA THR A 181 18.92 -7.47 -0.16
C THR A 181 19.26 -6.12 -0.80
N GLY A 182 19.71 -5.21 0.07
CA GLY A 182 20.10 -3.85 -0.28
C GLY A 182 20.08 -3.57 -1.76
N GLU A 183 21.26 -3.62 -2.38
CA GLU A 183 21.37 -3.31 -3.80
C GLU A 183 21.95 -4.43 -4.62
N SER A 184 21.33 -4.74 -5.75
CA SER A 184 21.89 -5.80 -6.56
C SER A 184 22.85 -5.37 -7.72
N VAL A 185 23.97 -6.08 -7.81
CA VAL A 185 24.90 -5.84 -8.87
C VAL A 185 25.41 -7.27 -8.91
N SER A 186 26.45 -7.57 -9.66
CA SER A 186 27.00 -8.92 -9.61
C SER A 186 27.82 -8.95 -8.30
N VAL A 187 27.12 -9.19 -7.20
CA VAL A 187 27.85 -9.26 -5.93
C VAL A 187 28.74 -10.51 -5.82
N ILE A 188 30.01 -10.27 -5.50
CA ILE A 188 30.98 -11.35 -5.39
C ILE A 188 30.94 -12.00 -4.04
N LYS A 189 31.49 -13.21 -3.97
CA LYS A 189 31.58 -13.99 -2.74
C LYS A 189 33.01 -14.51 -2.51
N HIS A 190 33.41 -14.69 -1.24
CA HIS A 190 34.74 -15.21 -0.87
C HIS A 190 34.59 -16.22 0.25
N THR A 191 35.54 -17.13 0.38
CA THR A 191 35.49 -18.19 1.39
C THR A 191 35.80 -17.88 2.85
N GLU A 192 36.74 -16.98 3.11
CA GLU A 192 37.10 -16.66 4.49
C GLU A 192 35.89 -16.18 5.28
N PRO A 193 35.85 -16.48 6.60
CA PRO A 193 34.75 -16.10 7.48
C PRO A 193 34.51 -14.60 7.66
N VAL A 194 33.47 -14.30 8.43
CA VAL A 194 33.09 -12.94 8.76
C VAL A 194 33.00 -12.94 10.27
N PRO A 195 33.96 -12.29 10.94
CA PRO A 195 34.06 -12.17 12.40
C PRO A 195 32.76 -11.89 13.14
N ASP A 196 32.05 -10.85 12.74
CA ASP A 196 30.80 -10.48 13.40
C ASP A 196 29.67 -11.49 13.31
N PRO A 197 29.20 -12.00 14.45
CA PRO A 197 28.11 -12.96 14.42
C PRO A 197 26.82 -12.26 14.03
N ARG A 198 26.70 -11.00 14.45
CA ARG A 198 25.53 -10.18 14.18
C ARG A 198 25.70 -9.41 12.87
N ALA A 199 26.02 -10.11 11.79
CA ALA A 199 26.23 -9.45 10.51
C ALA A 199 25.01 -9.38 9.60
N VAL A 200 24.88 -8.25 8.92
CA VAL A 200 23.76 -8.02 8.01
C VAL A 200 23.92 -8.81 6.72
N ASN A 201 22.87 -9.51 6.32
CA ASN A 201 22.95 -10.30 5.12
C ASN A 201 23.96 -9.87 4.10
N GLN A 202 23.92 -8.63 3.66
CA GLN A 202 24.89 -8.18 2.66
C GLN A 202 26.34 -8.40 3.11
N ASP A 203 26.64 -8.10 4.38
CA ASP A 203 27.97 -8.28 4.92
C ASP A 203 28.43 -9.74 5.07
N LYS A 204 27.51 -10.70 4.96
CA LYS A 204 27.88 -12.12 5.06
C LYS A 204 28.30 -12.57 3.66
N LYS A 205 29.49 -12.13 3.25
CA LYS A 205 30.00 -12.41 1.92
C LYS A 205 30.36 -13.87 1.57
N ASN A 206 30.43 -14.74 2.57
CA ASN A 206 30.77 -16.13 2.30
C ASN A 206 29.52 -16.98 2.18
N MET A 207 28.38 -16.32 2.02
CA MET A 207 27.07 -16.98 1.96
C MET A 207 26.29 -16.99 0.65
N LEU A 208 25.47 -18.02 0.51
CA LEU A 208 24.59 -18.21 -0.64
C LEU A 208 23.12 -18.20 -0.17
N PHE A 209 22.45 -17.07 -0.32
CA PHE A 209 21.05 -16.93 0.10
C PHE A 209 19.99 -17.70 -0.70
N SER A 210 19.10 -18.37 0.01
CA SER A 210 18.09 -19.16 -0.67
C SER A 210 17.16 -18.36 -1.55
N GLY A 211 17.14 -18.62 -2.85
CA GLY A 211 16.25 -17.87 -3.72
C GLY A 211 17.04 -16.92 -4.56
N THR A 212 18.11 -16.40 -3.99
CA THR A 212 18.94 -15.49 -4.76
C THR A 212 19.55 -16.35 -5.83
N ASN A 213 20.08 -15.69 -6.84
CA ASN A 213 20.65 -16.41 -7.94
C ASN A 213 22.11 -16.13 -8.05
N ILE A 214 22.84 -17.16 -8.46
CA ILE A 214 24.27 -17.02 -8.63
C ILE A 214 24.42 -16.56 -10.07
N ALA A 215 24.84 -15.30 -10.21
CA ALA A 215 25.01 -14.67 -11.51
C ALA A 215 26.09 -15.26 -12.42
N ALA A 216 27.28 -15.46 -11.86
CA ALA A 216 28.39 -15.99 -12.63
C ALA A 216 29.32 -16.84 -11.76
N GLY A 217 29.81 -17.92 -12.35
CA GLY A 217 30.71 -18.80 -11.63
C GLY A 217 30.20 -20.20 -11.38
N LYS A 218 30.83 -20.85 -10.41
CA LYS A 218 30.55 -22.23 -10.00
C LYS A 218 31.40 -22.48 -8.75
N ALA A 219 30.74 -22.57 -7.59
CA ALA A 219 31.44 -22.81 -6.33
C ALA A 219 30.76 -23.95 -5.59
N LEU A 220 31.40 -24.38 -4.52
CA LEU A 220 30.91 -25.46 -3.71
C LEU A 220 30.54 -25.03 -2.30
N GLY A 221 29.51 -25.66 -1.75
CA GLY A 221 29.10 -25.29 -0.41
C GLY A 221 28.46 -26.37 0.44
N ILE A 222 28.38 -26.02 1.71
CA ILE A 222 27.79 -26.86 2.73
C ILE A 222 26.56 -26.11 3.19
N VAL A 223 25.41 -26.77 3.21
CA VAL A 223 24.16 -26.13 3.65
C VAL A 223 24.12 -25.74 5.13
N ALA A 224 23.92 -24.45 5.39
CA ALA A 224 23.85 -23.96 6.75
C ALA A 224 22.45 -24.21 7.35
N THR A 225 21.43 -23.56 6.79
CA THR A 225 20.05 -23.73 7.26
C THR A 225 19.19 -24.22 6.13
N THR A 226 18.09 -24.85 6.49
CA THR A 226 17.21 -25.36 5.49
C THR A 226 15.84 -24.97 5.97
N GLY A 227 14.89 -24.96 5.04
CA GLY A 227 13.51 -24.65 5.36
C GLY A 227 13.18 -23.23 5.79
N VAL A 228 12.25 -23.14 6.72
CA VAL A 228 11.77 -21.88 7.26
C VAL A 228 12.86 -21.13 8.01
N SER A 229 13.91 -21.87 8.34
CA SER A 229 15.03 -21.26 9.04
C SER A 229 15.86 -20.46 8.02
N THR A 230 15.75 -20.81 6.72
CA THR A 230 16.49 -20.09 5.68
C THR A 230 16.15 -18.60 5.63
N GLU A 231 17.15 -17.76 5.40
CA GLU A 231 16.94 -16.32 5.36
C GLU A 231 15.57 -15.84 4.92
N ILE A 232 15.07 -16.38 3.81
CA ILE A 232 13.76 -15.95 3.36
C ILE A 232 12.72 -16.53 4.28
N GLY A 233 12.88 -17.81 4.58
CA GLY A 233 11.94 -18.47 5.47
C GLY A 233 11.75 -17.57 6.65
N LYS A 234 12.87 -17.11 7.20
CA LYS A 234 12.85 -16.21 8.32
C LYS A 234 11.84 -15.08 8.03
N ILE A 235 11.68 -14.73 6.76
CA ILE A 235 10.73 -13.70 6.39
C ILE A 235 9.33 -14.26 6.33
N ARG A 236 9.10 -15.22 5.45
CA ARG A 236 7.77 -15.81 5.32
C ARG A 236 7.10 -15.84 6.67
N ASP A 237 7.89 -16.15 7.70
CA ASP A 237 7.35 -16.19 9.05
C ASP A 237 6.79 -14.83 9.39
N GLN A 238 7.66 -13.83 9.46
CA GLN A 238 7.23 -12.49 9.77
C GLN A 238 5.83 -12.24 9.21
N MET A 239 5.71 -12.28 7.90
CA MET A 239 4.42 -12.06 7.23
C MET A 239 3.28 -12.90 7.80
N ALA A 240 3.48 -14.20 7.90
CA ALA A 240 2.44 -15.09 8.41
C ALA A 240 2.14 -14.81 9.85
N ALA A 241 3.14 -14.30 10.58
CA ALA A 241 2.98 -13.98 11.98
C ALA A 241 2.07 -12.77 12.16
N THR A 242 2.02 -11.91 11.15
CA THR A 242 1.20 -10.71 11.24
C THR A 242 -0.26 -10.79 10.82
N GLU A 243 -1.07 -10.05 11.55
CA GLU A 243 -2.51 -9.96 11.36
C GLU A 243 -2.85 -8.48 11.21
N GLN A 244 -3.67 -8.15 10.22
CA GLN A 244 -4.06 -6.76 9.97
C GLN A 244 -5.53 -6.53 10.32
N ASP A 245 -5.85 -5.32 10.75
CA ASP A 245 -7.20 -4.94 11.13
C ASP A 245 -8.17 -4.60 10.02
N LYS A 246 -9.45 -4.51 10.39
CA LYS A 246 -10.53 -4.18 9.48
C LYS A 246 -10.52 -2.67 9.25
N THR A 247 -10.79 -2.24 8.02
CA THR A 247 -10.80 -0.81 7.76
C THR A 247 -11.77 -0.19 8.77
N PRO A 248 -11.41 0.98 9.35
CA PRO A 248 -12.30 1.61 10.33
C PRO A 248 -13.72 1.77 9.82
N LEU A 249 -14.00 1.20 8.66
CA LEU A 249 -15.35 1.27 8.14
C LEU A 249 -16.00 -0.06 8.47
N GLN A 250 -15.26 -1.14 8.18
CA GLN A 250 -15.69 -2.52 8.43
C GLN A 250 -15.81 -2.67 9.90
N GLN A 251 -14.95 -1.95 10.60
CA GLN A 251 -14.96 -1.99 12.05
C GLN A 251 -16.37 -1.52 12.41
N LYS A 252 -16.70 -0.31 11.96
CA LYS A 252 -17.99 0.30 12.22
C LYS A 252 -19.18 -0.56 11.77
N LEU A 253 -18.93 -1.52 10.89
CA LEU A 253 -19.95 -2.42 10.36
C LEU A 253 -20.52 -3.26 11.46
N ASP A 254 -19.69 -4.17 11.95
CA ASP A 254 -20.09 -5.06 13.01
C ASP A 254 -20.80 -4.18 14.02
N GLU A 255 -20.16 -3.08 14.39
CA GLU A 255 -20.72 -2.16 15.37
C GLU A 255 -22.22 -1.89 15.12
N PHE A 256 -22.53 -1.41 13.93
CA PHE A 256 -23.90 -1.09 13.54
C PHE A 256 -24.84 -2.31 13.56
N GLY A 257 -24.38 -3.42 13.01
CA GLY A 257 -25.20 -4.63 12.99
C GLY A 257 -25.46 -5.13 14.40
N GLU A 258 -24.44 -5.06 15.25
CA GLU A 258 -24.55 -5.50 16.64
C GLU A 258 -25.74 -4.78 17.25
N GLN A 259 -25.78 -3.48 17.00
CA GLN A 259 -26.84 -2.65 17.52
C GLN A 259 -28.13 -2.83 16.74
N LEU A 260 -28.05 -2.69 15.43
CA LEU A 260 -29.23 -2.84 14.60
C LEU A 260 -29.94 -4.13 14.98
N SER A 261 -29.22 -5.00 15.71
CA SER A 261 -29.77 -6.28 16.16
C SER A 261 -30.34 -6.15 17.57
N LYS A 262 -29.76 -5.26 18.37
CA LYS A 262 -30.28 -5.05 19.71
C LYS A 262 -31.62 -4.35 19.53
N VAL A 263 -31.60 -3.16 18.94
CA VAL A 263 -32.79 -2.39 18.69
C VAL A 263 -33.94 -3.29 18.27
N ILE A 264 -33.80 -3.87 17.09
CA ILE A 264 -34.81 -4.76 16.55
C ILE A 264 -35.49 -5.56 17.65
N SER A 265 -34.70 -6.36 18.37
CA SER A 265 -35.26 -7.17 19.43
C SER A 265 -36.14 -6.35 20.39
N LEU A 266 -35.61 -5.22 20.86
CA LEU A 266 -36.33 -4.34 21.77
C LEU A 266 -37.71 -4.01 21.25
N ILE A 267 -37.79 -3.63 19.98
CA ILE A 267 -39.07 -3.30 19.35
C ILE A 267 -40.08 -4.41 19.68
N CYS A 268 -39.77 -5.61 19.24
CA CYS A 268 -40.61 -6.76 19.49
C CYS A 268 -40.97 -6.87 20.96
N VAL A 269 -40.19 -6.23 21.82
CA VAL A 269 -40.47 -6.27 23.23
C VAL A 269 -41.52 -5.21 23.54
N ALA A 270 -41.33 -4.02 22.98
CA ALA A 270 -42.29 -2.94 23.19
C ALA A 270 -43.56 -3.39 22.49
N VAL A 271 -43.38 -3.85 21.25
CA VAL A 271 -44.47 -4.31 20.41
C VAL A 271 -45.31 -5.36 21.09
N TRP A 272 -44.71 -6.51 21.43
CA TRP A 272 -45.49 -7.55 22.07
C TRP A 272 -46.21 -7.00 23.30
N LEU A 273 -45.56 -6.02 23.95
CA LEU A 273 -46.07 -5.40 25.16
C LEU A 273 -47.27 -4.45 24.99
N ILE A 274 -47.40 -3.81 23.83
CA ILE A 274 -48.52 -2.91 23.61
C ILE A 274 -49.78 -3.72 23.37
N ASN A 275 -49.62 -4.98 23.00
CA ASN A 275 -50.77 -5.82 22.78
C ASN A 275 -50.90 -6.88 23.87
N ILE A 276 -50.70 -6.44 25.12
CA ILE A 276 -50.80 -7.34 26.30
C ILE A 276 -52.26 -7.56 26.71
N GLY A 277 -53.13 -6.61 26.45
CA GLY A 277 -54.52 -6.78 26.80
C GLY A 277 -55.00 -8.15 26.33
N HIS A 278 -54.50 -8.57 25.17
CA HIS A 278 -54.85 -9.86 24.59
C HIS A 278 -54.68 -11.03 25.55
N PHE A 279 -54.24 -10.73 26.77
CA PHE A 279 -54.05 -11.74 27.81
C PHE A 279 -55.21 -11.66 28.81
N ASN A 280 -55.79 -10.47 29.02
CA ASN A 280 -56.90 -10.32 29.96
C ASN A 280 -58.21 -9.81 29.35
N ASP A 281 -58.59 -10.41 28.20
CA ASP A 281 -59.83 -10.05 27.50
C ASP A 281 -60.29 -11.08 26.43
N PRO A 282 -59.46 -12.10 26.11
CA PRO A 282 -59.83 -13.10 25.10
C PRO A 282 -60.96 -14.05 25.49
N VAL A 283 -61.77 -14.39 24.50
CA VAL A 283 -62.91 -15.28 24.72
C VAL A 283 -62.69 -16.64 24.05
N HIS A 284 -61.41 -17.03 23.92
CA HIS A 284 -61.05 -18.30 23.30
C HIS A 284 -61.93 -18.60 22.06
N GLY A 285 -62.09 -17.61 21.19
CA GLY A 285 -62.93 -17.76 20.01
C GLY A 285 -62.43 -18.43 18.75
N GLY A 286 -61.11 -18.54 18.60
CA GLY A 286 -60.56 -19.18 17.41
C GLY A 286 -59.81 -18.30 16.43
N SER A 287 -60.27 -17.07 16.22
CA SER A 287 -59.61 -16.15 15.31
C SER A 287 -58.22 -15.85 15.85
N TRP A 288 -57.86 -16.62 16.86
CA TRP A 288 -56.56 -16.54 17.53
C TRP A 288 -55.47 -16.76 16.50
N ILE A 289 -55.27 -18.04 16.21
CA ILE A 289 -54.28 -18.56 15.28
C ILE A 289 -53.91 -17.62 14.14
N ARG A 290 -54.88 -16.85 13.65
CA ARG A 290 -54.63 -15.90 12.57
C ARG A 290 -54.05 -14.60 13.12
N GLY A 291 -53.72 -14.60 14.41
CA GLY A 291 -53.17 -13.41 15.03
C GLY A 291 -51.68 -13.60 15.28
N ALA A 292 -51.22 -14.83 15.19
CA ALA A 292 -49.82 -15.14 15.40
C ALA A 292 -49.13 -14.97 14.07
N ILE A 293 -49.87 -15.29 13.01
CA ILE A 293 -49.36 -15.18 11.64
C ILE A 293 -49.11 -13.70 11.33
N TYR A 294 -49.69 -12.84 12.16
CA TYR A 294 -49.55 -11.39 12.05
C TYR A 294 -48.17 -10.97 12.53
N TYR A 295 -47.85 -11.37 13.75
CA TYR A 295 -46.57 -11.04 14.34
C TYR A 295 -45.45 -11.64 13.50
N PHE A 296 -45.68 -12.84 12.98
CA PHE A 296 -44.69 -13.50 12.15
C PHE A 296 -44.44 -12.81 10.81
N LYS A 297 -45.50 -12.37 10.14
CA LYS A 297 -45.33 -11.71 8.84
C LYS A 297 -45.02 -10.22 9.00
N ILE A 298 -45.13 -9.73 10.23
CA ILE A 298 -44.82 -8.33 10.44
C ILE A 298 -43.39 -8.24 10.93
N ALA A 299 -42.83 -9.37 11.36
CA ALA A 299 -41.46 -9.41 11.87
C ALA A 299 -40.43 -9.46 10.76
N VAL A 300 -40.70 -10.23 9.71
CA VAL A 300 -39.76 -10.30 8.57
C VAL A 300 -39.88 -9.00 7.76
N ALA A 301 -40.96 -8.28 8.03
CA ALA A 301 -41.23 -7.01 7.39
C ALA A 301 -40.31 -6.05 8.11
N LEU A 302 -40.19 -6.27 9.42
CA LEU A 302 -39.34 -5.46 10.28
C LEU A 302 -37.87 -5.54 9.84
N ALA A 303 -37.46 -6.69 9.32
CA ALA A 303 -36.08 -6.90 8.89
C ALA A 303 -35.70 -6.24 7.58
N VAL A 304 -36.44 -6.51 6.51
CA VAL A 304 -36.08 -5.88 5.23
C VAL A 304 -36.29 -4.36 5.37
N ALA A 305 -36.71 -3.94 6.56
CA ALA A 305 -36.98 -2.53 6.86
C ALA A 305 -36.03 -1.92 7.91
N ALA A 306 -35.03 -2.68 8.35
CA ALA A 306 -34.08 -2.19 9.34
C ALA A 306 -32.70 -2.29 8.74
N ILE A 307 -32.55 -3.24 7.84
CA ILE A 307 -31.28 -3.49 7.17
C ILE A 307 -31.18 -2.76 5.85
N PRO A 308 -30.05 -2.09 5.63
CA PRO A 308 -29.83 -1.35 4.39
C PRO A 308 -29.40 -2.32 3.30
N GLU A 309 -30.31 -3.21 2.94
CA GLU A 309 -30.06 -4.21 1.91
C GLU A 309 -29.06 -3.74 0.88
N GLY A 310 -29.52 -2.86 -0.02
CA GLY A 310 -28.66 -2.36 -1.09
C GLY A 310 -27.33 -1.68 -0.80
N LEU A 311 -27.17 -1.09 0.38
CA LEU A 311 -25.94 -0.39 0.69
C LEU A 311 -24.68 -1.14 0.24
N PRO A 312 -24.43 -2.34 0.80
CA PRO A 312 -23.23 -3.07 0.39
C PRO A 312 -22.84 -2.88 -1.08
N ALA A 313 -23.76 -3.14 -1.98
CA ALA A 313 -23.44 -3.02 -3.39
C ALA A 313 -23.19 -1.60 -3.87
N VAL A 314 -23.73 -0.61 -3.18
CA VAL A 314 -23.54 0.78 -3.59
C VAL A 314 -22.16 1.31 -3.18
N ILE A 315 -21.63 0.73 -2.11
CA ILE A 315 -20.33 1.11 -1.60
C ILE A 315 -19.29 0.60 -2.53
N THR A 316 -19.18 -0.71 -2.62
CA THR A 316 -18.18 -1.26 -3.50
C THR A 316 -18.31 -0.64 -4.89
N THR A 317 -19.53 -0.34 -5.33
CA THR A 317 -19.69 0.27 -6.66
C THR A 317 -18.97 1.61 -6.65
N CYS A 318 -19.07 2.31 -5.53
CA CYS A 318 -18.41 3.61 -5.37
C CYS A 318 -16.88 3.45 -5.43
N LEU A 319 -16.38 2.42 -4.76
CA LEU A 319 -14.94 2.15 -4.71
C LEU A 319 -14.29 1.75 -6.03
N ALA A 320 -14.86 0.77 -6.72
CA ALA A 320 -14.29 0.34 -8.00
C ALA A 320 -14.17 1.48 -9.00
N LEU A 321 -15.05 2.48 -8.89
CA LEU A 321 -15.02 3.63 -9.79
C LEU A 321 -13.80 4.45 -9.44
N GLY A 322 -13.50 4.46 -8.14
CA GLY A 322 -12.35 5.19 -7.65
C GLY A 322 -11.04 4.46 -7.95
N THR A 323 -11.05 3.13 -7.93
CA THR A 323 -9.82 2.42 -8.21
C THR A 323 -9.37 2.90 -9.57
N ARG A 324 -10.12 2.52 -10.59
CA ARG A 324 -9.84 2.90 -11.97
C ARG A 324 -9.39 4.36 -12.03
N ARG A 325 -10.04 5.21 -11.24
CA ARG A 325 -9.73 6.65 -11.21
C ARG A 325 -8.29 6.91 -10.81
N MET A 326 -7.86 6.35 -9.69
CA MET A 326 -6.49 6.55 -9.23
C MET A 326 -5.50 5.84 -10.16
N ALA A 327 -5.95 4.77 -10.78
CA ALA A 327 -5.13 3.99 -11.69
C ALA A 327 -4.72 4.89 -12.84
N LYS A 328 -5.56 5.86 -13.15
CA LYS A 328 -5.26 6.81 -14.20
C LYS A 328 -4.10 7.64 -13.67
N LYS A 329 -4.19 8.03 -12.40
CA LYS A 329 -3.16 8.83 -11.74
C LYS A 329 -2.07 7.91 -11.21
N ASN A 330 -1.74 6.91 -12.01
CA ASN A 330 -0.67 5.97 -11.66
C ASN A 330 -0.76 5.19 -10.36
N ALA A 331 -1.72 5.52 -9.49
CA ALA A 331 -1.84 4.80 -8.22
C ALA A 331 -2.70 3.53 -8.39
N ILE A 332 -2.21 2.41 -7.87
CA ILE A 332 -2.91 1.13 -7.99
C ILE A 332 -3.37 0.57 -6.66
N VAL A 333 -4.63 0.77 -6.29
CA VAL A 333 -5.07 0.22 -5.01
C VAL A 333 -5.29 -1.28 -5.17
N ARG A 334 -4.49 -2.07 -4.45
CA ARG A 334 -4.59 -3.54 -4.51
C ARG A 334 -5.97 -4.03 -4.09
N SER A 335 -6.32 -3.79 -2.83
CA SER A 335 -7.63 -4.20 -2.32
C SER A 335 -8.38 -2.94 -1.90
N LEU A 336 -9.63 -2.86 -2.33
CA LEU A 336 -10.46 -1.70 -2.02
C LEU A 336 -11.55 -2.00 -1.00
N PRO A 337 -11.44 -1.40 0.18
CA PRO A 337 -11.93 -1.13 1.53
C PRO A 337 -10.76 -0.47 2.22
N SER A 338 -9.67 -0.42 1.46
CA SER A 338 -8.41 0.12 1.88
C SER A 338 -8.31 1.53 1.42
N VAL A 339 -9.18 1.90 0.50
CA VAL A 339 -9.10 3.25 0.04
C VAL A 339 -9.38 4.14 1.23
N GLU A 340 -10.34 3.74 2.06
CA GLU A 340 -10.66 4.53 3.25
C GLU A 340 -9.38 4.79 4.03
N THR A 341 -8.79 3.71 4.54
CA THR A 341 -7.56 3.78 5.32
C THR A 341 -6.50 4.68 4.69
N LEU A 342 -6.39 4.63 3.36
CA LEU A 342 -5.42 5.46 2.66
C LEU A 342 -5.84 6.90 2.89
N GLY A 343 -7.15 7.10 2.80
CA GLY A 343 -7.75 8.41 2.97
C GLY A 343 -7.36 9.07 4.26
N CYS A 344 -7.03 8.28 5.28
CA CYS A 344 -6.65 8.86 6.55
C CYS A 344 -5.29 8.45 7.02
N THR A 345 -4.32 8.45 6.11
CA THR A 345 -2.97 8.07 6.49
C THR A 345 -2.38 9.19 7.34
N SER A 346 -1.92 8.83 8.53
CA SER A 346 -1.35 9.76 9.49
C SER A 346 0.10 10.12 9.12
N VAL A 347 0.83 9.12 8.64
CA VAL A 347 2.23 9.27 8.25
C VAL A 347 2.60 8.45 7.01
N ILE A 348 3.64 8.91 6.32
CA ILE A 348 4.16 8.23 5.13
C ILE A 348 5.68 8.11 5.24
N CYS A 349 6.13 6.87 5.41
CA CYS A 349 7.53 6.53 5.47
C CYS A 349 7.80 5.99 4.09
N SER A 350 8.51 6.77 3.30
CA SER A 350 8.87 6.32 1.96
C SER A 350 10.37 6.35 1.87
N ASP A 351 10.93 5.51 1.01
CA ASP A 351 12.37 5.51 0.85
C ASP A 351 12.64 6.78 0.05
N LYS A 352 13.91 7.18 -0.03
CA LYS A 352 14.29 8.37 -0.78
C LYS A 352 14.62 8.10 -2.25
N THR A 353 15.85 7.67 -2.44
CA THR A 353 16.42 7.37 -3.74
C THR A 353 15.47 7.05 -4.88
N GLY A 354 14.87 5.86 -4.83
CA GLY A 354 13.96 5.46 -5.89
C GLY A 354 12.80 6.40 -6.17
N THR A 355 12.05 6.75 -5.12
CA THR A 355 10.91 7.64 -5.25
C THR A 355 11.23 9.13 -5.15
N LEU A 356 11.66 9.58 -3.97
CA LEU A 356 11.94 11.01 -3.77
C LEU A 356 12.89 11.61 -4.78
N THR A 357 14.10 11.08 -4.85
CA THR A 357 15.05 11.58 -5.83
C THR A 357 14.85 10.79 -7.11
N THR A 358 15.18 11.41 -8.23
CA THR A 358 15.02 10.75 -9.53
C THR A 358 15.98 9.60 -9.67
N ASN A 359 17.10 9.73 -8.97
CA ASN A 359 18.16 8.75 -9.00
C ASN A 359 18.89 8.85 -10.33
N GLN A 360 19.24 10.07 -10.69
CA GLN A 360 19.97 10.29 -11.91
C GLN A 360 21.28 10.98 -11.60
N MET A 361 22.32 10.17 -11.54
CA MET A 361 23.64 10.64 -11.22
C MET A 361 24.30 11.52 -12.29
N SER A 362 24.97 12.56 -11.81
CA SER A 362 25.66 13.50 -12.68
C SER A 362 26.64 14.30 -11.83
N VAL A 363 27.90 14.32 -12.25
CA VAL A 363 28.93 15.06 -11.54
C VAL A 363 28.66 16.55 -11.78
N CYS A 364 28.69 17.35 -10.73
CA CYS A 364 28.43 18.80 -10.83
C CYS A 364 29.64 19.62 -10.46
N LYS A 365 30.48 19.03 -9.64
CA LYS A 365 31.67 19.71 -9.23
C LYS A 365 32.76 18.68 -9.04
N MET A 366 34.00 19.14 -9.15
CA MET A 366 35.18 18.33 -8.96
C MET A 366 36.04 19.29 -8.18
N PHE A 367 37.25 18.88 -7.85
CA PHE A 367 38.15 19.76 -7.14
C PHE A 367 39.46 19.00 -6.92
N ILE A 368 40.52 19.57 -7.48
CA ILE A 368 41.83 18.96 -7.39
C ILE A 368 42.79 20.00 -6.83
N ILE A 369 43.82 19.52 -6.14
CA ILE A 369 44.79 20.41 -5.55
C ILE A 369 45.49 21.22 -6.62
N ASP A 370 45.68 22.51 -6.35
CA ASP A 370 46.34 23.43 -7.27
C ASP A 370 47.77 23.78 -6.82
N LYS A 371 47.98 23.86 -5.51
CA LYS A 371 49.30 24.16 -4.98
C LYS A 371 49.37 24.19 -3.47
N VAL A 372 50.51 23.74 -2.95
CA VAL A 372 50.76 23.76 -1.51
C VAL A 372 52.13 24.32 -1.24
N ASP A 373 52.15 25.34 -0.39
CA ASP A 373 53.36 26.03 0.01
C ASP A 373 53.24 26.10 1.53
N GLY A 374 54.32 26.44 2.22
CA GLY A 374 54.31 26.52 3.67
C GLY A 374 53.06 25.96 4.32
N ASP A 375 52.06 26.81 4.48
CA ASP A 375 50.80 26.40 5.07
C ASP A 375 49.70 26.92 4.16
N PHE A 376 50.13 27.60 3.09
CA PHE A 376 49.20 28.14 2.12
C PHE A 376 48.75 27.04 1.20
N CYS A 377 47.44 26.86 1.12
CA CYS A 377 46.89 25.85 0.28
C CYS A 377 46.21 26.48 -0.93
N SER A 378 45.92 25.68 -1.94
CA SER A 378 45.29 26.20 -3.15
C SER A 378 44.65 25.08 -3.94
N LEU A 379 43.32 25.10 -4.02
CA LEU A 379 42.59 24.08 -4.75
C LEU A 379 42.02 24.62 -6.02
N ASN A 380 41.67 23.72 -6.94
CA ASN A 380 41.09 24.09 -8.22
C ASN A 380 39.73 23.42 -8.26
N GLU A 381 38.69 24.21 -7.96
CA GLU A 381 37.29 23.76 -7.91
C GLU A 381 36.64 23.95 -9.28
N PHE A 382 35.73 23.05 -9.64
CA PHE A 382 35.05 23.13 -10.93
C PHE A 382 33.53 22.92 -10.90
N SER A 383 32.96 22.91 -12.10
CA SER A 383 31.54 22.75 -12.29
C SER A 383 31.36 21.96 -13.58
N ILE A 384 30.41 21.03 -13.59
CA ILE A 384 30.15 20.18 -14.74
C ILE A 384 28.68 20.21 -15.15
N THR A 385 28.42 20.50 -16.41
CA THR A 385 27.05 20.59 -16.92
C THR A 385 26.54 19.28 -17.52
N GLY A 386 25.26 19.01 -17.31
CA GLY A 386 24.66 17.81 -17.86
C GLY A 386 23.91 16.94 -16.86
N SER A 387 22.60 16.91 -16.97
CA SER A 387 21.81 16.11 -16.08
C SER A 387 21.97 14.65 -16.46
N THR A 388 21.74 14.37 -17.74
CA THR A 388 21.82 13.02 -18.24
C THR A 388 23.19 12.44 -18.22
N TYR A 389 23.23 11.11 -18.26
CA TYR A 389 24.49 10.41 -18.29
C TYR A 389 25.00 10.73 -19.69
N ALA A 390 24.09 11.22 -20.51
CA ALA A 390 24.40 11.60 -21.89
C ALA A 390 25.70 12.38 -21.89
N PRO A 391 26.66 11.94 -22.72
CA PRO A 391 27.96 12.59 -22.85
C PRO A 391 27.86 13.95 -23.53
N GLU A 392 27.16 14.87 -22.90
CA GLU A 392 26.97 16.21 -23.46
C GLU A 392 26.96 17.29 -22.37
N GLY A 393 28.05 18.05 -22.27
CA GLY A 393 28.17 19.10 -21.26
C GLY A 393 29.53 19.78 -21.30
N GLU A 394 29.76 20.77 -20.43
CA GLU A 394 31.05 21.47 -20.42
C GLU A 394 31.63 21.75 -19.02
N VAL A 395 32.94 21.58 -18.89
CA VAL A 395 33.61 21.83 -17.62
C VAL A 395 33.99 23.31 -17.48
N LEU A 396 33.64 23.92 -16.36
CA LEU A 396 33.93 25.34 -16.13
C LEU A 396 34.38 25.65 -14.70
N LYS A 397 35.30 26.60 -14.56
CA LYS A 397 35.80 27.07 -13.25
C LYS A 397 35.52 28.57 -13.16
N ASN A 398 34.73 28.99 -12.18
CA ASN A 398 34.34 30.40 -12.06
C ASN A 398 33.47 30.71 -13.28
N ASP A 399 32.65 29.71 -13.62
CA ASP A 399 31.71 29.73 -14.74
C ASP A 399 32.32 29.94 -16.09
N LYS A 400 33.63 29.77 -16.19
CA LYS A 400 34.28 29.92 -17.48
C LYS A 400 34.65 28.54 -17.99
N PRO A 401 34.13 28.16 -19.15
CA PRO A 401 34.44 26.85 -19.73
C PRO A 401 35.92 26.62 -19.59
N ILE A 402 36.33 25.37 -19.54
CA ILE A 402 37.74 25.06 -19.42
C ILE A 402 38.06 23.75 -20.08
N ARG A 403 39.14 23.75 -20.84
CA ARG A 403 39.58 22.54 -21.50
C ARG A 403 39.99 21.68 -20.30
N SER A 404 39.87 20.36 -20.40
CA SER A 404 40.26 19.53 -19.28
C SER A 404 41.74 19.16 -19.34
N GLY A 405 42.20 18.77 -20.54
CA GLY A 405 43.60 18.41 -20.70
C GLY A 405 44.55 19.48 -20.19
N GLN A 406 44.11 20.73 -20.17
CA GLN A 406 44.94 21.84 -19.71
C GLN A 406 45.40 21.72 -18.26
N PHE A 407 44.84 20.76 -17.53
CA PHE A 407 45.22 20.58 -16.15
C PHE A 407 45.54 19.13 -15.89
N ASP A 408 46.68 18.88 -15.26
CA ASP A 408 47.04 17.52 -15.00
C ASP A 408 46.12 16.89 -13.97
N GLY A 409 46.08 17.49 -12.78
CA GLY A 409 45.23 16.96 -11.73
C GLY A 409 43.94 16.33 -12.25
N LEU A 410 43.36 16.94 -13.27
CA LEU A 410 42.12 16.46 -13.86
C LEU A 410 42.36 15.22 -14.70
N VAL A 411 43.40 15.26 -15.52
CA VAL A 411 43.70 14.13 -16.39
C VAL A 411 43.85 12.83 -15.62
N GLU A 412 44.32 12.93 -14.38
CA GLU A 412 44.46 11.73 -13.57
C GLU A 412 43.08 11.42 -12.98
N LEU A 413 42.57 12.36 -12.18
CA LEU A 413 41.24 12.21 -11.58
C LEU A 413 40.32 11.58 -12.62
N ALA A 414 40.50 12.00 -13.87
CA ALA A 414 39.71 11.51 -14.98
C ALA A 414 39.94 10.03 -15.27
N THR A 415 41.21 9.64 -15.42
CA THR A 415 41.54 8.25 -15.67
C THR A 415 40.97 7.45 -14.51
N ILE A 416 41.48 7.72 -13.30
CA ILE A 416 41.00 7.07 -12.08
C ILE A 416 39.51 6.71 -12.23
N CYS A 417 38.73 7.73 -12.60
CA CYS A 417 37.32 7.56 -12.79
C CYS A 417 37.04 6.43 -13.76
N ALA A 418 37.51 6.60 -14.99
CA ALA A 418 37.30 5.62 -16.04
C ALA A 418 37.75 4.18 -15.73
N LEU A 419 38.80 4.06 -14.91
CA LEU A 419 39.38 2.78 -14.55
C LEU A 419 38.86 2.13 -13.27
N CYS A 420 38.67 2.92 -12.22
CA CYS A 420 38.14 2.36 -10.98
C CYS A 420 36.61 2.42 -11.10
N ASN A 421 36.11 1.99 -12.27
CA ASN A 421 34.68 2.00 -12.59
C ASN A 421 34.25 0.72 -13.31
N ASP A 422 33.28 -0.01 -12.75
CA ASP A 422 32.80 -1.24 -13.38
C ASP A 422 31.62 -0.96 -14.26
N SER A 423 31.21 0.30 -14.29
CA SER A 423 30.09 0.69 -15.10
C SER A 423 30.57 1.37 -16.37
N SER A 424 29.61 1.70 -17.22
CA SER A 424 29.93 2.36 -18.47
C SER A 424 28.67 3.03 -19.01
N LEU A 425 28.65 3.27 -20.31
CA LEU A 425 27.52 3.93 -20.90
C LEU A 425 27.16 3.26 -22.21
N ASP A 426 25.87 3.27 -22.54
CA ASP A 426 25.39 2.68 -23.78
C ASP A 426 24.27 3.57 -24.34
N PHE A 427 24.19 3.67 -25.66
CA PHE A 427 23.17 4.47 -26.31
C PHE A 427 22.21 3.56 -27.08
N ASN A 428 20.92 3.91 -27.10
CA ASN A 428 19.93 3.11 -27.80
C ASN A 428 19.13 3.90 -28.84
N GLU A 429 18.75 3.25 -29.94
CA GLU A 429 17.99 3.89 -31.01
C GLU A 429 16.49 3.76 -30.78
N THR A 430 16.07 2.76 -30.00
CA THR A 430 14.65 2.54 -29.72
C THR A 430 14.00 3.70 -28.98
N LYS A 431 14.80 4.47 -28.23
CA LYS A 431 14.29 5.64 -27.49
C LYS A 431 15.19 6.86 -27.63
N GLY A 432 16.41 6.64 -28.13
CA GLY A 432 17.35 7.73 -28.34
C GLY A 432 18.02 8.39 -27.15
N VAL A 433 18.02 7.74 -26.00
CA VAL A 433 18.66 8.31 -24.82
C VAL A 433 19.90 7.52 -24.42
N TYR A 434 20.73 8.11 -23.57
CA TYR A 434 21.94 7.45 -23.10
C TYR A 434 21.62 6.78 -21.76
N GLU A 435 21.59 5.45 -21.77
CA GLU A 435 21.25 4.66 -20.58
C GLU A 435 22.35 4.16 -19.65
N LYS A 436 21.96 4.04 -18.39
CA LYS A 436 22.80 3.58 -17.28
C LYS A 436 23.15 2.10 -17.44
N VAL A 437 24.32 1.80 -18.02
CA VAL A 437 24.68 0.41 -18.22
C VAL A 437 24.95 -0.34 -16.90
N GLY A 438 25.73 0.26 -16.00
CA GLY A 438 26.02 -0.39 -14.73
C GLY A 438 25.34 0.32 -13.58
N GLU A 439 26.09 0.52 -12.49
CA GLU A 439 25.56 1.19 -11.31
C GLU A 439 25.60 2.70 -11.54
N ALA A 440 24.47 3.36 -11.27
CA ALA A 440 24.33 4.80 -11.46
C ALA A 440 25.51 5.70 -11.05
N THR A 441 25.91 5.61 -9.79
CA THR A 441 27.01 6.42 -9.29
C THR A 441 28.28 6.23 -10.11
N GLU A 442 28.38 5.08 -10.77
CA GLU A 442 29.55 4.80 -11.61
C GLU A 442 29.32 5.25 -13.04
N THR A 443 28.13 4.93 -13.54
CA THR A 443 27.76 5.29 -14.90
C THR A 443 27.77 6.82 -15.06
N ALA A 444 27.80 7.52 -13.94
CA ALA A 444 27.82 8.97 -13.98
C ALA A 444 29.27 9.38 -14.13
N LEU A 445 30.15 8.64 -13.47
CA LEU A 445 31.57 8.95 -13.56
C LEU A 445 31.92 8.74 -15.01
N THR A 446 31.73 7.51 -15.47
CA THR A 446 32.05 7.16 -16.84
C THR A 446 31.60 8.31 -17.72
N THR A 447 30.49 8.91 -17.32
CA THR A 447 29.94 10.04 -18.03
C THR A 447 30.84 11.27 -17.87
N LEU A 448 31.12 11.63 -16.62
CA LEU A 448 31.98 12.77 -16.36
C LEU A 448 33.18 12.75 -17.30
N VAL A 449 33.98 11.69 -17.22
CA VAL A 449 35.16 11.56 -18.07
C VAL A 449 34.83 11.87 -19.52
N GLU A 450 33.71 11.35 -20.01
CA GLU A 450 33.33 11.59 -21.38
C GLU A 450 33.24 13.06 -21.66
N LYS A 451 32.64 13.79 -20.75
CA LYS A 451 32.47 15.22 -20.92
C LYS A 451 33.76 16.06 -20.89
N MET A 452 34.75 15.61 -20.13
CA MET A 452 36.01 16.36 -20.03
C MET A 452 37.16 15.68 -20.77
N ASN A 453 36.90 15.07 -21.93
CA ASN A 453 37.94 14.36 -22.67
C ASN A 453 39.29 15.00 -22.49
N VAL A 454 40.01 14.44 -21.54
CA VAL A 454 41.33 14.92 -21.18
C VAL A 454 42.29 14.90 -22.38
N PHE A 455 41.99 14.05 -23.36
CA PHE A 455 42.86 13.90 -24.53
C PHE A 455 42.49 14.65 -25.79
N ASN A 456 41.65 15.68 -25.66
CA ASN A 456 41.22 16.46 -26.82
C ASN A 456 41.09 15.52 -28.02
N THR A 457 40.46 14.36 -27.78
CA THR A 457 40.28 13.35 -28.82
C THR A 457 38.97 13.49 -29.59
N GLU A 458 39.08 13.72 -30.89
CA GLU A 458 37.95 13.89 -31.80
C GLU A 458 36.84 12.89 -31.56
N VAL A 459 35.69 13.39 -31.13
CA VAL A 459 34.54 12.55 -30.86
C VAL A 459 33.28 13.01 -31.58
N ARG A 460 33.39 14.11 -32.33
CA ARG A 460 32.26 14.64 -33.07
C ARG A 460 32.19 14.06 -34.48
N ASN A 461 33.26 13.36 -34.89
CA ASN A 461 33.35 12.71 -36.19
C ASN A 461 32.90 11.27 -35.97
N LEU A 462 32.35 11.01 -34.79
CA LEU A 462 31.91 9.67 -34.40
C LEU A 462 30.41 9.64 -34.11
N SER A 463 29.77 8.53 -34.43
CA SER A 463 28.33 8.38 -34.20
C SER A 463 28.01 8.54 -32.73
N LYS A 464 26.76 8.29 -32.38
CA LYS A 464 26.32 8.41 -31.00
C LYS A 464 26.39 7.09 -30.22
N VAL A 465 26.47 5.97 -30.94
CA VAL A 465 26.57 4.66 -30.30
C VAL A 465 28.02 4.50 -29.87
N GLU A 466 28.88 5.32 -30.47
CA GLU A 466 30.31 5.33 -30.20
C GLU A 466 30.69 6.45 -29.25
N ARG A 467 29.94 7.55 -29.30
CA ARG A 467 30.19 8.70 -28.43
C ARG A 467 30.10 8.24 -26.97
N ALA A 468 29.20 7.27 -26.73
CA ALA A 468 28.96 6.72 -25.40
C ALA A 468 30.19 6.48 -24.54
N ASN A 469 31.27 5.98 -25.13
CA ASN A 469 32.47 5.68 -24.37
C ASN A 469 33.79 5.97 -25.08
N ALA A 470 33.75 6.82 -26.09
CA ALA A 470 34.96 7.16 -26.84
C ALA A 470 36.12 7.63 -25.95
N CYS A 471 35.82 8.47 -24.97
CA CYS A 471 36.84 9.02 -24.05
C CYS A 471 37.30 8.09 -22.95
N ASN A 472 36.44 7.13 -22.59
CA ASN A 472 36.77 6.16 -21.56
C ASN A 472 37.73 5.14 -22.16
N SER A 473 37.21 4.35 -23.10
CA SER A 473 37.97 3.32 -23.79
C SER A 473 39.39 3.80 -24.12
N VAL A 474 39.56 5.09 -24.38
CA VAL A 474 40.89 5.59 -24.69
C VAL A 474 41.75 5.52 -23.45
N ILE A 475 41.19 5.88 -22.29
CA ILE A 475 41.93 5.82 -21.05
C ILE A 475 42.09 4.37 -20.64
N ARG A 476 41.23 3.52 -21.19
CA ARG A 476 41.29 2.10 -20.90
C ARG A 476 42.46 1.47 -21.65
N GLN A 477 42.81 2.04 -22.80
CA GLN A 477 43.94 1.54 -23.58
C GLN A 477 45.21 2.14 -23.02
N LEU A 478 45.08 2.83 -21.88
CA LEU A 478 46.22 3.48 -21.24
C LEU A 478 46.60 2.79 -19.93
N MET A 479 46.27 1.51 -19.84
CA MET A 479 46.59 0.71 -18.68
C MET A 479 45.99 -0.67 -18.87
N LYS A 480 46.59 -1.63 -18.18
CA LYS A 480 46.19 -3.01 -18.22
C LYS A 480 45.57 -3.23 -16.84
N LYS A 481 44.24 -3.28 -16.77
CA LYS A 481 43.59 -3.49 -15.48
C LYS A 481 43.82 -4.94 -15.06
N GLU A 482 44.92 -5.16 -14.35
CA GLU A 482 45.27 -6.50 -13.88
C GLU A 482 44.11 -7.15 -13.14
N PHE A 483 43.68 -6.53 -12.03
CA PHE A 483 42.57 -7.04 -11.25
C PHE A 483 41.97 -5.90 -10.45
N THR A 484 40.85 -6.17 -9.78
CA THR A 484 40.17 -5.15 -9.01
C THR A 484 39.72 -5.53 -7.59
N LEU A 485 40.01 -4.66 -6.62
CA LEU A 485 39.64 -4.91 -5.22
C LEU A 485 38.25 -4.31 -4.96
N GLU A 486 37.22 -5.14 -5.16
CA GLU A 486 35.82 -4.74 -5.00
C GLU A 486 35.51 -3.92 -3.74
N PHE A 487 34.38 -3.21 -3.81
CA PHE A 487 33.94 -2.37 -2.71
C PHE A 487 33.58 -3.26 -1.52
N SER A 488 33.86 -2.76 -0.32
CA SER A 488 33.57 -3.47 0.92
C SER A 488 33.04 -2.44 1.89
N ARG A 489 31.96 -2.79 2.56
CA ARG A 489 31.32 -1.90 3.50
C ARG A 489 32.11 -1.43 4.73
N ASP A 490 33.41 -1.70 4.79
CA ASP A 490 34.15 -1.25 5.95
C ASP A 490 35.21 -0.22 5.56
N ARG A 491 35.80 -0.42 4.39
CA ARG A 491 36.79 0.53 3.95
C ARG A 491 36.06 1.49 3.06
N LYS A 492 34.78 1.22 2.87
CA LYS A 492 33.93 2.09 2.07
C LYS A 492 34.66 2.60 0.83
N SER A 493 35.31 1.69 0.11
CA SER A 493 36.03 2.08 -1.10
C SER A 493 36.46 0.85 -1.86
N MET A 494 36.96 1.06 -3.07
CA MET A 494 37.41 -0.02 -3.93
C MET A 494 38.66 0.43 -4.67
N SER A 495 39.22 -0.44 -5.52
CA SER A 495 40.42 -0.06 -6.23
C SER A 495 40.73 -1.02 -7.34
N VAL A 496 41.43 -0.51 -8.35
CA VAL A 496 41.84 -1.30 -9.51
C VAL A 496 43.35 -1.37 -9.62
N TYR A 497 43.87 -2.59 -9.76
CA TYR A 497 45.30 -2.75 -9.89
C TYR A 497 45.62 -2.77 -11.39
N CYS A 498 46.44 -1.84 -11.86
CA CYS A 498 46.75 -1.77 -13.30
C CYS A 498 48.20 -1.76 -13.72
N SER A 499 48.41 -2.09 -14.99
CA SER A 499 49.72 -2.10 -15.58
C SER A 499 49.62 -1.35 -16.91
N PRO A 500 50.73 -0.78 -17.40
CA PRO A 500 50.65 -0.07 -18.68
C PRO A 500 51.15 -0.98 -19.81
N ALA A 501 50.95 -0.57 -21.07
CA ALA A 501 51.37 -1.37 -22.21
C ALA A 501 52.82 -1.07 -22.51
N LYS A 502 53.53 -2.15 -22.74
CA LYS A 502 54.95 -2.23 -23.01
C LYS A 502 55.77 -0.95 -23.32
N SER A 503 55.31 -0.07 -24.22
CA SER A 503 56.14 1.11 -24.54
C SER A 503 55.75 2.52 -24.08
N SER A 504 54.49 2.89 -24.25
CA SER A 504 53.99 4.23 -23.89
C SER A 504 54.02 4.66 -22.41
N ARG A 505 53.31 3.92 -21.57
CA ARG A 505 53.22 4.23 -20.14
C ARG A 505 54.22 3.47 -19.26
N ALA A 506 55.30 2.99 -19.87
CA ALA A 506 56.36 2.28 -19.16
C ALA A 506 56.85 2.98 -17.88
N ALA A 507 56.91 4.33 -17.91
CA ALA A 507 57.43 5.16 -16.81
C ALA A 507 57.52 4.45 -15.48
N VAL A 508 56.36 4.18 -14.90
CA VAL A 508 56.30 3.49 -13.62
C VAL A 508 55.39 2.26 -13.61
N GLY A 509 56.02 1.09 -13.63
CA GLY A 509 55.30 -0.17 -13.64
C GLY A 509 53.80 -0.09 -13.29
N ASN A 510 53.38 -0.92 -12.35
CA ASN A 510 51.97 -0.97 -11.94
C ASN A 510 51.56 0.05 -10.89
N LYS A 511 50.31 0.49 -10.97
CA LYS A 511 49.81 1.45 -10.04
C LYS A 511 48.38 1.07 -9.73
N MET A 512 47.88 1.68 -8.68
CA MET A 512 46.60 1.32 -8.14
C MET A 512 45.69 2.52 -8.00
N PHE A 513 44.48 2.47 -8.59
CA PHE A 513 43.49 3.57 -8.55
C PHE A 513 42.24 3.36 -7.68
N VAL A 514 42.14 4.12 -6.60
CA VAL A 514 41.04 3.98 -5.66
C VAL A 514 39.95 5.08 -5.59
N LYS A 515 38.73 4.68 -5.22
CA LYS A 515 37.61 5.61 -5.07
C LYS A 515 36.59 5.19 -3.99
N GLY A 516 36.33 6.10 -3.06
CA GLY A 516 35.36 5.82 -2.01
C GLY A 516 34.98 7.04 -1.17
N ALA A 517 34.45 6.80 0.03
CA ALA A 517 34.07 7.88 0.92
C ALA A 517 35.31 8.66 1.33
N PRO A 518 35.29 9.99 1.15
CA PRO A 518 36.38 10.91 1.48
C PRO A 518 37.08 10.67 2.83
N GLU A 519 36.30 10.36 3.87
CA GLU A 519 36.85 10.12 5.20
C GLU A 519 37.99 9.12 5.07
N GLY A 520 37.62 7.89 4.70
CA GLY A 520 38.59 6.82 4.54
C GLY A 520 39.75 7.16 3.60
N VAL A 521 39.54 6.99 2.29
CA VAL A 521 40.58 7.26 1.32
C VAL A 521 41.45 8.44 1.69
N ILE A 522 40.86 9.49 2.24
CA ILE A 522 41.67 10.64 2.60
C ILE A 522 42.67 10.34 3.70
N ASP A 523 42.28 9.66 4.76
CA ASP A 523 43.24 9.36 5.82
C ASP A 523 44.36 8.55 5.20
N ARG A 524 43.95 7.46 4.55
CA ARG A 524 44.86 6.56 3.90
C ARG A 524 45.84 7.28 2.99
N CYS A 525 45.54 8.52 2.65
CA CYS A 525 46.43 9.31 1.82
C CYS A 525 47.51 9.94 2.68
N ASN A 526 48.75 9.71 2.31
CA ASN A 526 49.84 10.27 3.06
C ASN A 526 50.47 11.35 2.19
N TYR A 527 50.03 11.41 0.93
CA TYR A 527 50.54 12.40 -0.01
C TYR A 527 49.41 13.03 -0.82
N VAL A 528 49.72 14.07 -1.59
CA VAL A 528 48.71 14.76 -2.41
C VAL A 528 49.24 15.26 -3.76
N ARG A 529 48.68 14.75 -4.85
CA ARG A 529 49.13 15.15 -6.16
C ARG A 529 48.74 16.56 -6.57
N VAL A 530 49.77 17.33 -6.90
CA VAL A 530 49.62 18.71 -7.33
C VAL A 530 50.01 18.69 -8.81
N GLY A 531 49.05 18.40 -9.68
CA GLY A 531 49.38 18.34 -11.09
C GLY A 531 50.19 17.08 -11.35
N THR A 532 51.48 17.22 -11.63
CA THR A 532 52.31 16.05 -11.90
C THR A 532 53.12 15.64 -10.70
N THR A 533 53.14 16.47 -9.67
CA THR A 533 53.92 16.16 -8.49
C THR A 533 53.19 15.72 -7.24
N ARG A 534 53.95 15.26 -6.26
CA ARG A 534 53.43 14.78 -4.97
C ARG A 534 53.97 15.69 -3.86
N VAL A 535 53.40 15.57 -2.66
CA VAL A 535 53.79 16.38 -1.52
C VAL A 535 53.30 15.71 -0.24
N PRO A 536 53.91 16.03 0.91
CA PRO A 536 53.44 15.38 2.13
C PRO A 536 52.12 15.98 2.61
N MET A 537 51.05 15.21 2.42
CA MET A 537 49.73 15.62 2.86
C MET A 537 49.97 16.25 4.22
N THR A 538 49.64 17.54 4.38
CA THR A 538 49.84 18.18 5.68
C THR A 538 48.54 18.52 6.41
N GLY A 539 48.70 19.12 7.61
CA GLY A 539 47.55 19.52 8.41
C GLY A 539 46.59 20.41 7.65
N PRO A 540 47.04 21.58 7.19
CA PRO A 540 46.20 22.53 6.44
C PRO A 540 45.61 21.90 5.18
N VAL A 541 46.47 21.31 4.37
CA VAL A 541 46.03 20.70 3.13
C VAL A 541 44.79 19.85 3.33
N LYS A 542 44.74 19.15 4.46
CA LYS A 542 43.61 18.28 4.75
C LYS A 542 42.33 19.03 5.06
N GLU A 543 42.37 19.83 6.13
CA GLU A 543 41.21 20.60 6.52
C GLU A 543 40.57 21.16 5.28
N LYS A 544 41.31 22.01 4.59
CA LYS A 544 40.82 22.63 3.38
C LYS A 544 40.13 21.64 2.45
N ILE A 545 40.60 20.41 2.39
CA ILE A 545 39.95 19.44 1.52
C ILE A 545 38.63 18.95 2.08
N LEU A 546 38.61 18.69 3.39
CA LEU A 546 37.39 18.21 4.04
C LEU A 546 36.37 19.32 4.17
N SER A 547 36.87 20.56 4.25
CA SER A 547 36.00 21.72 4.37
C SER A 547 35.13 21.85 3.11
N VAL A 548 35.73 21.59 1.97
CA VAL A 548 34.99 21.65 0.73
C VAL A 548 34.13 20.41 0.68
N ILE A 549 34.64 19.31 1.22
CA ILE A 549 33.88 18.07 1.23
C ILE A 549 32.57 18.31 1.96
N LYS A 550 32.69 18.86 3.17
CA LYS A 550 31.52 19.15 4.02
C LYS A 550 30.62 20.25 3.42
N GLU A 551 31.24 21.22 2.73
CA GLU A 551 30.52 22.33 2.08
C GLU A 551 29.51 21.80 1.06
N TRP A 552 30.00 20.91 0.21
CA TRP A 552 29.20 20.31 -0.85
C TRP A 552 28.08 19.39 -0.38
N GLY A 553 28.42 18.49 0.55
CA GLY A 553 27.45 17.52 1.02
C GLY A 553 26.52 17.97 2.13
N THR A 554 26.69 19.20 2.61
CA THR A 554 25.84 19.73 3.66
C THR A 554 25.13 21.00 3.19
N GLY A 555 25.77 21.71 2.28
CA GLY A 555 25.18 22.93 1.75
C GLY A 555 23.92 22.66 0.96
N ARG A 556 23.22 23.71 0.53
CA ARG A 556 22.01 23.54 -0.26
C ARG A 556 22.27 22.57 -1.41
N ASP A 557 23.53 22.53 -1.86
CA ASP A 557 23.96 21.65 -2.95
C ASP A 557 23.52 20.20 -2.74
N THR A 558 23.65 19.73 -1.50
CA THR A 558 23.32 18.36 -1.10
C THR A 558 23.91 17.36 -2.10
N LEU A 559 25.21 17.52 -2.34
CA LEU A 559 25.93 16.67 -3.27
C LEU A 559 26.59 15.46 -2.61
N ARG A 560 26.74 14.39 -3.40
CA ARG A 560 27.37 13.16 -2.93
C ARG A 560 28.83 13.29 -3.28
N CYS A 561 29.73 12.83 -2.40
CA CYS A 561 31.15 12.97 -2.67
C CYS A 561 32.03 11.73 -2.76
N LEU A 562 32.87 11.73 -3.78
CA LEU A 562 33.83 10.66 -4.02
C LEU A 562 35.24 11.22 -3.93
N ALA A 563 36.08 10.65 -3.06
CA ALA A 563 37.44 11.15 -2.96
C ALA A 563 38.31 10.22 -3.79
N LEU A 564 39.01 10.80 -4.76
CA LEU A 564 39.86 10.01 -5.64
C LEU A 564 41.38 10.12 -5.40
N ALA A 565 42.03 8.95 -5.41
CA ALA A 565 43.48 8.82 -5.21
C ALA A 565 44.07 7.65 -6.00
N THR A 566 45.39 7.54 -5.94
CA THR A 566 46.09 6.47 -6.60
C THR A 566 47.22 6.09 -5.67
N ARG A 567 47.56 4.81 -5.66
CA ARG A 567 48.66 4.33 -4.85
C ARG A 567 49.83 4.24 -5.82
N ASP A 568 50.81 5.14 -5.67
CA ASP A 568 51.97 5.22 -6.56
C ASP A 568 52.91 4.04 -6.45
N THR A 569 53.17 3.60 -5.23
CA THR A 569 54.06 2.48 -5.00
C THR A 569 53.22 1.31 -4.52
N PRO A 570 52.49 0.67 -5.44
CA PRO A 570 51.68 -0.46 -4.99
C PRO A 570 52.47 -1.72 -4.63
N PRO A 571 52.00 -2.44 -3.61
CA PRO A 571 52.68 -3.66 -3.20
C PRO A 571 52.87 -4.51 -4.43
N LYS A 572 53.86 -5.39 -4.36
CA LYS A 572 54.17 -6.28 -5.45
C LYS A 572 52.96 -7.16 -5.72
N ARG A 573 52.69 -7.41 -6.98
CA ARG A 573 51.55 -8.22 -7.32
C ARG A 573 51.38 -9.51 -6.48
N GLU A 574 52.35 -10.42 -6.59
CA GLU A 574 52.27 -11.70 -5.89
C GLU A 574 52.20 -11.65 -4.38
N GLU A 575 52.32 -10.46 -3.82
CA GLU A 575 52.23 -10.34 -2.38
C GLU A 575 50.81 -9.94 -1.95
N MET A 576 49.88 -9.93 -2.90
CA MET A 576 48.50 -9.56 -2.61
C MET A 576 47.57 -10.76 -2.68
N VAL A 577 46.60 -10.83 -1.75
CA VAL A 577 45.62 -11.93 -1.71
C VAL A 577 44.31 -11.38 -2.23
N LEU A 578 44.28 -11.19 -3.54
CA LEU A 578 43.14 -10.66 -4.25
C LEU A 578 41.81 -11.32 -3.87
N ASP A 579 41.87 -12.40 -3.09
CA ASP A 579 40.64 -13.11 -2.70
C ASP A 579 40.29 -13.21 -1.21
N ASP A 580 40.64 -12.18 -0.45
CA ASP A 580 40.33 -12.17 0.97
C ASP A 580 40.19 -10.72 1.44
N SER A 581 39.05 -10.16 1.07
CA SER A 581 38.68 -8.77 1.33
C SER A 581 39.15 -8.09 2.58
N SER A 582 39.47 -8.85 3.60
CA SER A 582 39.93 -8.24 4.83
C SER A 582 41.13 -7.36 4.50
N ARG A 583 42.12 -7.96 3.85
CA ARG A 583 43.35 -7.27 3.50
C ARG A 583 43.21 -6.15 2.49
N PHE A 584 42.02 -5.94 1.94
CA PHE A 584 41.87 -4.88 0.96
C PHE A 584 42.04 -3.49 1.50
N MET A 585 41.92 -3.32 2.81
CA MET A 585 42.12 -2.00 3.38
C MET A 585 43.64 -1.73 3.50
N GLU A 586 44.41 -2.77 3.73
CA GLU A 586 45.86 -2.64 3.85
C GLU A 586 46.48 -2.23 2.52
N TYR A 587 46.06 -2.88 1.45
CA TYR A 587 46.57 -2.60 0.11
C TYR A 587 46.16 -1.22 -0.37
N GLU A 588 45.31 -0.56 0.41
CA GLU A 588 44.83 0.77 0.04
C GLU A 588 45.32 1.83 1.01
N THR A 589 46.61 1.84 1.30
CA THR A 589 47.16 2.84 2.19
C THR A 589 48.32 3.53 1.47
N ASP A 590 48.94 4.51 2.11
CA ASP A 590 50.04 5.21 1.44
C ASP A 590 49.43 5.68 0.13
N LEU A 591 48.34 6.41 0.24
CA LEU A 591 47.65 6.92 -0.92
C LEU A 591 47.94 8.38 -1.18
N THR A 592 47.85 8.76 -2.44
CA THR A 592 48.10 10.13 -2.86
C THR A 592 46.78 10.74 -3.31
N PHE A 593 46.27 11.68 -2.51
CA PHE A 593 45.02 12.33 -2.84
C PHE A 593 45.07 12.88 -4.26
N VAL A 594 43.99 12.74 -5.01
CA VAL A 594 43.99 13.26 -6.38
C VAL A 594 42.88 14.30 -6.57
N GLY A 595 41.85 14.24 -5.74
CA GLY A 595 40.74 15.16 -5.83
C GLY A 595 39.41 14.45 -5.60
N VAL A 596 38.37 15.18 -5.22
CA VAL A 596 37.09 14.53 -5.00
C VAL A 596 36.11 14.97 -6.08
N VAL A 597 35.06 14.18 -6.26
CA VAL A 597 34.07 14.47 -7.26
C VAL A 597 32.70 14.51 -6.61
N GLY A 598 31.95 15.57 -6.90
CA GLY A 598 30.63 15.72 -6.31
C GLY A 598 29.58 15.53 -7.38
N MET A 599 28.49 14.87 -7.04
CA MET A 599 27.42 14.59 -7.99
C MET A 599 26.07 14.64 -7.32
N LEU A 600 25.04 14.92 -8.10
CA LEU A 600 23.70 15.01 -7.55
C LEU A 600 22.71 13.99 -8.05
N ASP A 601 21.82 13.65 -7.11
CA ASP A 601 20.70 12.75 -7.28
C ASP A 601 19.54 13.71 -6.98
N PRO A 602 19.13 14.47 -8.00
CA PRO A 602 18.07 15.47 -7.97
C PRO A 602 16.71 14.96 -7.49
N PRO A 603 16.07 15.70 -6.56
CA PRO A 603 14.76 15.30 -6.05
C PRO A 603 13.76 15.46 -7.18
N ARG A 604 12.72 14.64 -7.23
CA ARG A 604 11.77 14.83 -8.31
C ARG A 604 10.84 16.01 -7.98
N LYS A 605 10.78 16.96 -8.91
CA LYS A 605 9.96 18.17 -8.80
C LYS A 605 8.80 18.16 -7.79
N GLU A 606 7.64 17.72 -8.28
CA GLU A 606 6.41 17.63 -7.51
C GLU A 606 6.60 17.22 -6.05
N VAL A 607 7.72 16.57 -5.74
CA VAL A 607 7.96 16.14 -4.37
C VAL A 607 7.95 17.33 -3.43
N MET A 608 8.77 18.33 -3.73
CA MET A 608 8.84 19.51 -2.89
C MET A 608 7.39 19.84 -2.60
N GLY A 609 6.65 20.07 -3.68
CA GLY A 609 5.24 20.40 -3.55
C GLY A 609 4.48 19.34 -2.78
N SER A 610 4.48 18.11 -3.28
CA SER A 610 3.79 17.00 -2.64
C SER A 610 4.13 16.90 -1.16
N ILE A 611 5.30 17.42 -0.78
CA ILE A 611 5.69 17.39 0.62
C ILE A 611 4.91 18.48 1.34
N GLN A 612 4.76 19.64 0.71
CA GLN A 612 4.00 20.73 1.30
C GLN A 612 2.55 20.30 1.52
N LEU A 613 1.93 19.69 0.52
CA LEU A 613 0.54 19.26 0.63
C LEU A 613 0.31 18.50 1.93
N CYS A 614 1.27 17.64 2.26
CA CYS A 614 1.18 16.83 3.48
C CYS A 614 1.13 17.73 4.69
N ARG A 615 1.86 18.84 4.62
CA ARG A 615 1.87 19.79 5.71
C ARG A 615 0.44 20.23 5.96
N ASP A 616 -0.14 20.92 4.99
CA ASP A 616 -1.51 21.40 5.13
C ASP A 616 -2.39 20.22 5.47
N ALA A 617 -2.00 19.05 4.97
CA ALA A 617 -2.78 17.84 5.22
C ALA A 617 -2.55 17.36 6.63
N GLY A 618 -1.44 17.76 7.22
CA GLY A 618 -1.14 17.32 8.57
C GLY A 618 -0.62 15.91 8.53
N ILE A 619 -0.37 15.41 7.32
CA ILE A 619 0.16 14.06 7.18
C ILE A 619 1.66 14.16 7.37
N ARG A 620 2.19 13.38 8.31
CA ARG A 620 3.63 13.44 8.57
C ARG A 620 4.40 12.68 7.48
N VAL A 621 5.65 13.09 7.25
CA VAL A 621 6.45 12.42 6.24
C VAL A 621 7.81 12.08 6.79
N ILE A 622 8.09 10.78 6.89
CA ILE A 622 9.38 10.27 7.37
C ILE A 622 10.18 9.78 6.19
N MET A 623 11.45 10.20 6.13
CA MET A 623 12.33 9.80 5.03
C MET A 623 13.34 8.74 5.44
N ILE A 624 13.13 7.55 4.92
CA ILE A 624 13.98 6.41 5.18
C ILE A 624 15.03 6.35 4.07
N THR A 625 16.31 6.48 4.43
CA THR A 625 17.41 6.50 3.43
C THR A 625 18.71 5.70 3.64
N GLY A 626 19.55 5.82 2.60
CA GLY A 626 20.84 5.17 2.58
C GLY A 626 21.94 6.22 2.55
N ASP A 627 21.59 7.49 2.76
CA ASP A 627 22.58 8.55 2.78
C ASP A 627 23.14 8.65 4.18
N ASN A 628 24.23 9.37 4.34
CA ASN A 628 24.80 9.55 5.66
C ASN A 628 23.84 10.54 6.32
N LYS A 629 23.89 10.66 7.65
CA LYS A 629 22.99 11.57 8.36
C LYS A 629 23.16 13.00 7.83
N GLY A 630 24.40 13.48 7.87
CA GLY A 630 24.70 14.83 7.40
C GLY A 630 24.09 15.17 6.05
N THR A 631 23.99 14.16 5.19
CA THR A 631 23.43 14.35 3.86
C THR A 631 21.92 14.11 3.87
N ALA A 632 21.48 13.09 4.62
CA ALA A 632 20.06 12.79 4.70
C ALA A 632 19.46 14.13 5.04
N ILE A 633 19.75 14.57 6.27
CA ILE A 633 19.27 15.85 6.79
C ILE A 633 19.19 16.93 5.70
N ALA A 634 20.35 17.39 5.23
CA ALA A 634 20.40 18.41 4.17
C ALA A 634 19.30 18.07 3.19
N ILE A 635 19.54 17.05 2.36
CA ILE A 635 18.56 16.60 1.39
C ILE A 635 17.12 16.94 1.80
N CYS A 636 16.75 16.55 3.02
CA CYS A 636 15.41 16.80 3.57
C CYS A 636 15.01 18.27 3.48
N ARG A 637 15.81 19.14 4.06
CA ARG A 637 15.52 20.57 4.05
C ARG A 637 15.42 21.03 2.61
N ARG A 638 16.14 20.33 1.74
CA ARG A 638 16.14 20.68 0.33
C ARG A 638 14.77 20.42 -0.27
N ILE A 639 14.08 19.44 0.28
CA ILE A 639 12.76 19.10 -0.22
C ILE A 639 11.63 19.72 0.62
N GLY A 640 11.88 19.95 1.91
CA GLY A 640 10.83 20.54 2.70
C GLY A 640 10.49 19.70 3.90
N ILE A 641 11.16 18.56 4.04
CA ILE A 641 10.91 17.71 5.19
C ILE A 641 11.26 18.56 6.38
N PHE A 642 12.32 19.35 6.21
CA PHE A 642 12.77 20.27 7.24
C PHE A 642 12.88 21.61 6.53
N GLY A 643 12.97 22.67 7.31
CA GLY A 643 13.08 23.98 6.70
C GLY A 643 14.46 24.47 6.96
N GLU A 644 15.26 24.59 5.89
CA GLU A 644 16.63 25.06 6.02
C GLU A 644 16.68 25.91 7.30
N ASN A 645 17.59 25.55 8.20
CA ASN A 645 17.77 26.23 9.50
C ASN A 645 17.15 25.46 10.65
N GLU A 646 16.12 24.68 10.39
CA GLU A 646 15.43 23.92 11.47
C GLU A 646 16.42 23.07 12.26
N GLU A 647 16.22 22.91 13.57
CA GLU A 647 17.15 22.09 14.33
C GLU A 647 16.73 20.67 14.14
N VAL A 648 17.62 19.83 13.63
CA VAL A 648 17.13 18.50 13.40
C VAL A 648 17.67 17.33 14.25
N ALA A 649 18.61 17.60 15.16
CA ALA A 649 19.23 16.54 15.98
C ALA A 649 18.32 15.44 16.55
N ASP A 650 17.18 15.82 17.10
CA ASP A 650 16.21 14.88 17.67
C ASP A 650 15.19 14.29 16.67
N ARG A 651 14.90 15.04 15.62
CA ARG A 651 13.95 14.61 14.60
C ARG A 651 14.58 13.65 13.57
N ALA A 652 15.87 13.37 13.73
CA ALA A 652 16.56 12.47 12.79
C ALA A 652 17.67 11.63 13.40
N TYR A 653 17.41 10.33 13.50
CA TYR A 653 18.40 9.41 14.06
C TYR A 653 19.06 8.54 12.97
N THR A 654 20.03 7.74 13.37
CA THR A 654 20.68 6.92 12.39
C THR A 654 20.56 5.43 12.61
N GLY A 655 20.75 4.69 11.52
CA GLY A 655 20.66 3.25 11.58
C GLY A 655 21.18 2.74 12.90
N ARG A 656 22.36 3.22 13.30
CA ARG A 656 22.96 2.79 14.55
C ARG A 656 22.29 3.42 15.77
N GLU A 657 22.44 4.74 15.89
CA GLU A 657 21.88 5.48 17.01
C GLU A 657 20.59 4.86 17.47
N PHE A 658 19.69 4.66 16.52
CA PHE A 658 18.39 4.10 16.83
C PHE A 658 18.49 2.78 17.58
N ASP A 659 19.30 1.87 17.07
CA ASP A 659 19.48 0.55 17.70
C ASP A 659 19.98 0.70 19.13
N ASP A 660 20.79 1.75 19.33
CA ASP A 660 21.37 2.04 20.64
C ASP A 660 20.26 2.39 21.62
N LEU A 661 19.51 3.44 21.27
CA LEU A 661 18.42 3.90 22.11
C LEU A 661 17.60 2.72 22.65
N PRO A 662 17.16 2.84 23.91
CA PRO A 662 16.35 1.80 24.56
C PRO A 662 14.89 1.83 24.11
N LEU A 663 14.23 0.67 24.15
CA LEU A 663 12.83 0.59 23.75
C LEU A 663 12.10 1.86 24.13
N ALA A 664 12.53 2.44 25.26
CA ALA A 664 11.97 3.68 25.77
C ALA A 664 12.06 4.78 24.72
N GLU A 665 13.28 5.32 24.51
CA GLU A 665 13.46 6.39 23.54
C GLU A 665 13.14 5.98 22.11
N GLN A 666 13.23 4.68 21.84
CA GLN A 666 12.93 4.15 20.52
C GLN A 666 11.57 4.76 20.12
N ARG A 667 10.57 4.42 20.92
CA ARG A 667 9.20 4.89 20.72
C ARG A 667 9.13 6.39 20.54
N GLU A 668 9.66 7.12 21.51
CA GLU A 668 9.64 8.57 21.44
C GLU A 668 10.15 9.07 20.12
N ALA A 669 11.42 8.79 19.88
CA ALA A 669 12.11 9.17 18.67
C ALA A 669 11.12 9.15 17.51
N CYS A 670 10.47 8.00 17.36
CA CYS A 670 9.52 7.74 16.29
C CYS A 670 8.30 8.61 16.09
N ARG A 671 7.78 9.23 17.15
CA ARG A 671 6.60 10.03 16.92
C ARG A 671 7.03 11.38 16.37
N ARG A 672 8.29 11.76 16.64
CA ARG A 672 8.77 13.03 16.13
C ARG A 672 9.80 12.98 14.96
N ALA A 673 10.63 11.95 14.93
CA ALA A 673 11.66 11.77 13.90
C ALA A 673 11.08 11.80 12.49
N CYS A 674 11.84 12.39 11.54
CA CYS A 674 11.38 12.48 10.15
C CYS A 674 12.48 12.07 9.17
N CYS A 675 13.60 11.57 9.69
CA CYS A 675 14.70 11.19 8.83
C CYS A 675 15.56 10.04 9.41
N PHE A 676 15.33 8.81 8.97
CA PHE A 676 16.11 7.66 9.43
C PHE A 676 17.18 7.33 8.40
N ALA A 677 18.43 7.60 8.75
CA ALA A 677 19.56 7.37 7.86
C ALA A 677 20.28 6.02 8.08
N ARG A 678 20.65 5.36 6.98
CA ARG A 678 21.36 4.09 7.09
C ARG A 678 20.48 3.06 7.71
N VAL A 679 19.20 3.17 7.42
CA VAL A 679 18.26 2.22 7.97
C VAL A 679 18.63 0.78 7.64
N GLU A 680 18.26 -0.14 8.52
CA GLU A 680 18.53 -1.57 8.33
C GLU A 680 17.17 -2.28 8.24
N PRO A 681 17.17 -3.60 7.96
CA PRO A 681 15.93 -4.39 7.84
C PRO A 681 14.83 -4.23 8.90
N SER A 682 15.11 -4.69 10.10
CA SER A 682 14.17 -4.66 11.21
C SER A 682 13.50 -3.31 11.43
N HIS A 683 14.27 -2.25 11.23
CA HIS A 683 13.81 -0.89 11.43
C HIS A 683 12.49 -0.58 10.75
N LYS A 684 12.48 -0.71 9.44
CA LYS A 684 11.27 -0.44 8.68
C LYS A 684 10.03 -0.96 9.41
N SER A 685 10.21 -2.02 10.20
CA SER A 685 9.10 -2.60 10.92
C SER A 685 8.98 -2.09 12.35
N LYS A 686 10.08 -2.04 13.08
CA LYS A 686 10.01 -1.57 14.45
C LYS A 686 9.33 -0.21 14.44
N ILE A 687 9.74 0.64 13.52
CA ILE A 687 9.13 1.96 13.42
C ILE A 687 7.64 1.77 13.21
N VAL A 688 7.29 1.11 12.11
CA VAL A 688 5.88 0.86 11.79
C VAL A 688 5.19 0.26 13.01
N GLU A 689 5.96 -0.14 14.01
CA GLU A 689 5.33 -0.69 15.21
C GLU A 689 5.07 0.43 16.20
N TYR A 690 5.95 1.41 16.22
CA TYR A 690 5.82 2.56 17.10
C TYR A 690 4.79 3.49 16.52
N LEU A 691 4.88 3.71 15.22
CA LEU A 691 3.93 4.56 14.54
C LEU A 691 2.51 4.01 14.75
N GLN A 692 2.44 2.76 15.18
CA GLN A 692 1.17 2.11 15.46
C GLN A 692 0.87 2.26 16.92
N SER A 693 1.92 2.39 17.74
CA SER A 693 1.72 2.56 19.18
C SER A 693 1.11 3.93 19.43
N TYR A 694 1.09 4.76 18.39
CA TYR A 694 0.53 6.10 18.50
C TYR A 694 -0.78 6.22 17.72
N ASP A 695 -1.47 5.08 17.59
CA ASP A 695 -2.73 4.99 16.87
C ASP A 695 -2.67 5.81 15.59
N GLU A 696 -1.47 5.83 14.99
CA GLU A 696 -1.23 6.55 13.73
C GLU A 696 -1.33 5.60 12.52
N ILE A 697 -2.13 5.98 11.53
CA ILE A 697 -2.28 5.20 10.31
C ILE A 697 -1.02 5.56 9.54
N THR A 698 -0.15 4.59 9.31
CA THR A 698 1.10 4.90 8.62
C THR A 698 1.39 4.14 7.34
N ALA A 699 1.89 4.87 6.35
CA ALA A 699 2.24 4.32 5.06
C ALA A 699 3.72 3.88 5.08
N MET A 700 4.01 2.76 4.41
CA MET A 700 5.39 2.23 4.32
C MET A 700 5.62 1.80 2.90
N THR A 701 6.87 1.89 2.48
CA THR A 701 7.17 1.56 1.11
C THR A 701 8.50 0.88 0.89
N GLY A 702 8.43 -0.29 0.28
CA GLY A 702 9.62 -1.06 -0.04
C GLY A 702 9.51 -1.57 -1.46
N ASP A 703 10.45 -2.42 -1.89
CA ASP A 703 10.38 -2.93 -3.24
C ASP A 703 10.63 -4.41 -3.33
N GLY A 704 11.38 -4.94 -2.36
CA GLY A 704 11.73 -6.36 -2.38
C GLY A 704 11.37 -7.22 -1.18
N VAL A 705 11.48 -8.53 -1.37
CA VAL A 705 11.17 -9.54 -0.34
C VAL A 705 11.47 -9.13 1.08
N ASN A 706 12.55 -8.40 1.26
CA ASN A 706 12.94 -7.95 2.59
C ASN A 706 12.00 -6.88 3.16
N ASP A 707 11.33 -6.14 2.29
CA ASP A 707 10.44 -5.07 2.75
C ASP A 707 9.03 -5.60 3.08
N ALA A 708 8.69 -6.75 2.53
CA ALA A 708 7.37 -7.32 2.76
C ALA A 708 6.90 -7.32 4.21
N PRO A 709 7.66 -7.95 5.12
CA PRO A 709 7.28 -8.03 6.54
C PRO A 709 6.72 -6.74 7.13
N ALA A 710 7.16 -5.61 6.60
CA ALA A 710 6.66 -4.32 7.05
C ALA A 710 5.44 -3.98 6.19
N LEU A 711 5.68 -3.77 4.89
CA LEU A 711 4.60 -3.45 3.96
C LEU A 711 3.30 -4.12 4.35
N LYS A 712 3.40 -5.33 4.88
CA LYS A 712 2.22 -6.06 5.30
C LYS A 712 1.59 -5.39 6.51
N LYS A 713 2.35 -5.36 7.59
CA LYS A 713 1.89 -4.77 8.83
C LYS A 713 1.63 -3.27 8.83
N ALA A 714 2.06 -2.57 7.79
CA ALA A 714 1.79 -1.13 7.74
C ALA A 714 0.31 -0.99 7.43
N GLU A 715 -0.33 0.04 7.99
CA GLU A 715 -1.74 0.26 7.69
C GLU A 715 -1.84 0.27 6.18
N ILE A 716 -0.98 1.06 5.54
CA ILE A 716 -0.95 1.13 4.09
C ILE A 716 0.45 0.89 3.57
N GLY A 717 0.68 -0.30 3.03
CA GLY A 717 1.99 -0.61 2.48
C GLY A 717 1.97 -0.18 1.04
N ILE A 718 2.98 0.57 0.61
CA ILE A 718 3.06 1.04 -0.77
C ILE A 718 4.24 0.42 -1.46
N ALA A 719 3.97 -0.40 -2.47
CA ALA A 719 5.01 -1.08 -3.21
C ALA A 719 5.28 -0.38 -4.55
N MET A 720 6.56 -0.43 -4.97
CA MET A 720 7.00 0.18 -6.23
C MET A 720 6.53 -0.58 -7.48
N GLY A 721 6.24 0.16 -8.55
CA GLY A 721 5.81 -0.45 -9.80
C GLY A 721 7.03 -1.10 -10.41
N SER A 722 8.18 -0.58 -10.04
CA SER A 722 9.46 -1.12 -10.49
C SER A 722 10.01 -1.93 -9.32
N GLY A 723 9.09 -2.59 -8.60
CA GLY A 723 9.45 -3.40 -7.46
C GLY A 723 9.14 -4.86 -7.72
N THR A 724 9.46 -5.73 -6.77
CA THR A 724 9.26 -7.17 -6.96
C THR A 724 7.90 -7.77 -6.59
N ALA A 725 7.35 -8.53 -7.53
CA ALA A 725 6.06 -9.18 -7.37
C ALA A 725 5.66 -9.35 -5.92
N VAL A 726 6.46 -10.10 -5.19
CA VAL A 726 6.18 -10.35 -3.79
C VAL A 726 5.76 -9.09 -3.04
N ALA A 727 6.69 -8.17 -2.88
CA ALA A 727 6.42 -6.90 -2.21
C ALA A 727 5.07 -6.34 -2.64
N LYS A 728 4.89 -6.14 -3.95
CA LYS A 728 3.62 -5.63 -4.46
C LYS A 728 2.49 -6.40 -3.83
N THR A 729 2.48 -7.70 -4.04
CA THR A 729 1.41 -8.52 -3.49
C THR A 729 1.44 -8.50 -1.97
N ALA A 730 2.16 -7.54 -1.40
CA ALA A 730 2.24 -7.44 0.05
C ALA A 730 1.70 -6.10 0.45
N SER A 731 1.93 -5.12 -0.40
CA SER A 731 1.45 -3.79 -0.13
C SER A 731 -0.03 -3.74 -0.50
N GLU A 732 -0.69 -2.68 -0.06
CA GLU A 732 -2.11 -2.52 -0.31
C GLU A 732 -2.32 -1.58 -1.50
N MET A 733 -1.21 -1.07 -2.05
CA MET A 733 -1.23 -0.17 -3.21
C MET A 733 0.11 -0.20 -3.98
N VAL A 734 0.09 0.05 -5.27
CA VAL A 734 1.33 0.03 -6.04
C VAL A 734 1.51 1.27 -6.88
N LEU A 735 2.73 1.80 -6.91
CA LEU A 735 3.02 3.00 -7.68
C LEU A 735 3.75 2.62 -8.95
N ALA A 736 3.11 2.84 -10.09
CA ALA A 736 3.72 2.51 -11.38
C ALA A 736 4.90 3.44 -11.69
N ASP A 737 4.75 4.71 -11.35
CA ASP A 737 5.79 5.70 -11.60
C ASP A 737 6.70 5.89 -10.39
N ASP A 738 6.48 5.12 -9.34
CA ASP A 738 7.28 5.20 -8.10
C ASP A 738 7.33 6.59 -7.46
N ASN A 739 6.73 7.59 -8.11
CA ASN A 739 6.80 8.93 -7.54
C ASN A 739 6.16 9.03 -6.18
N PHE A 740 6.93 9.51 -5.22
CA PHE A 740 6.41 9.68 -3.88
C PHE A 740 5.07 10.37 -4.00
N SER A 741 5.08 11.53 -4.65
CA SER A 741 3.88 12.33 -4.86
C SER A 741 2.65 11.48 -5.18
N THR A 742 2.81 10.49 -6.06
CA THR A 742 1.68 9.63 -6.39
C THR A 742 1.02 9.12 -5.11
N ILE A 743 1.81 8.99 -4.05
CA ILE A 743 1.31 8.54 -2.77
C ILE A 743 0.37 9.58 -2.21
N VAL A 744 0.82 10.83 -2.18
CA VAL A 744 0.01 11.93 -1.68
C VAL A 744 -1.26 12.11 -2.52
N ALA A 745 -1.10 12.08 -3.84
CA ALA A 745 -2.23 12.23 -4.75
C ALA A 745 -3.25 11.16 -4.40
N ALA A 746 -2.74 9.97 -4.09
CA ALA A 746 -3.56 8.83 -3.70
C ALA A 746 -4.20 9.10 -2.35
N VAL A 747 -3.47 9.77 -1.47
CA VAL A 747 -4.05 10.06 -0.17
C VAL A 747 -5.17 11.03 -0.34
N GLU A 748 -5.25 11.69 -1.50
CA GLU A 748 -6.32 12.65 -1.75
C GLU A 748 -7.65 11.95 -2.12
N GLU A 749 -7.67 11.30 -3.28
CA GLU A 749 -8.88 10.57 -3.70
C GLU A 749 -9.37 9.85 -2.46
N GLY A 750 -8.41 9.34 -1.69
CA GLY A 750 -8.72 8.60 -0.49
C GLY A 750 -9.66 9.30 0.46
N ARG A 751 -9.55 10.63 0.56
CA ARG A 751 -10.43 11.35 1.45
C ARG A 751 -11.72 11.63 0.71
N ALA A 752 -11.59 12.27 -0.45
CA ALA A 752 -12.74 12.59 -1.28
C ALA A 752 -13.70 11.40 -1.26
N ILE A 753 -13.26 10.29 -1.86
CA ILE A 753 -14.07 9.08 -1.91
C ILE A 753 -14.86 8.90 -0.63
N TYR A 754 -14.15 8.80 0.49
CA TYR A 754 -14.82 8.60 1.76
C TYR A 754 -15.79 9.70 2.20
N ASN A 755 -15.70 10.90 1.64
CA ASN A 755 -16.65 11.95 2.03
C ASN A 755 -18.01 11.70 1.38
N ASN A 756 -17.99 11.43 0.07
CA ASN A 756 -19.21 11.10 -0.65
C ASN A 756 -19.62 9.77 -0.07
N MET A 757 -18.77 8.78 -0.23
CA MET A 757 -19.01 7.46 0.32
C MET A 757 -19.75 7.69 1.63
N LYS A 758 -19.09 8.39 2.56
CA LYS A 758 -19.66 8.70 3.86
C LYS A 758 -21.13 9.13 3.80
N GLN A 759 -21.40 10.27 3.19
CA GLN A 759 -22.78 10.77 3.11
C GLN A 759 -23.76 9.79 2.52
N PHE A 760 -23.55 9.39 1.28
CA PHE A 760 -24.49 8.49 0.67
C PHE A 760 -24.78 7.34 1.60
N ILE A 761 -23.87 7.06 2.54
CA ILE A 761 -24.13 5.98 3.50
C ILE A 761 -25.17 6.44 4.52
N ARG A 762 -25.01 7.67 5.03
CA ARG A 762 -25.92 8.26 6.01
C ARG A 762 -27.34 8.34 5.41
N TYR A 763 -27.41 8.64 4.12
CA TYR A 763 -28.67 8.74 3.42
C TYR A 763 -29.47 7.44 3.51
N LEU A 764 -28.93 6.35 2.99
CA LEU A 764 -29.66 5.09 3.00
C LEU A 764 -29.92 4.55 4.39
N ILE A 765 -29.15 4.97 5.38
CA ILE A 765 -29.39 4.47 6.72
C ILE A 765 -30.62 5.11 7.33
N SER A 766 -30.61 6.44 7.46
CA SER A 766 -31.75 7.17 8.02
C SER A 766 -33.07 6.65 7.43
N SER A 767 -33.09 6.46 6.11
CA SER A 767 -34.27 5.95 5.44
C SER A 767 -34.60 4.61 6.10
N ASN A 768 -33.62 3.74 6.21
CA ASN A 768 -33.85 2.45 6.84
C ASN A 768 -34.42 2.66 8.21
N VAL A 769 -34.00 3.72 8.88
CA VAL A 769 -34.54 4.03 10.19
C VAL A 769 -36.03 4.29 10.01
N GLY A 770 -36.34 5.21 9.09
CA GLY A 770 -37.73 5.55 8.84
C GLY A 770 -38.62 4.34 8.63
N GLU A 771 -38.21 3.50 7.69
CA GLU A 771 -38.97 2.30 7.37
C GLU A 771 -39.34 1.64 8.69
N VAL A 772 -38.33 1.29 9.47
CA VAL A 772 -38.59 0.66 10.77
C VAL A 772 -39.74 1.33 11.50
N VAL A 773 -39.67 2.64 11.66
CA VAL A 773 -40.72 3.38 12.35
C VAL A 773 -42.09 3.09 11.77
N CYS A 774 -42.15 2.97 10.45
CA CYS A 774 -43.40 2.66 9.78
C CYS A 774 -43.98 1.33 10.27
N ILE A 775 -43.17 0.27 10.23
CA ILE A 775 -43.64 -1.03 10.68
C ILE A 775 -43.97 -1.00 12.17
N PHE A 776 -43.19 -0.26 12.95
CA PHE A 776 -43.46 -0.21 14.38
C PHE A 776 -44.87 0.26 14.56
N LEU A 777 -45.18 1.40 13.96
CA LEU A 777 -46.53 1.95 14.07
C LEU A 777 -47.57 1.04 13.41
N THR A 778 -47.31 0.66 12.17
CA THR A 778 -48.20 -0.22 11.46
C THR A 778 -48.54 -1.37 12.41
N ALA A 779 -47.57 -1.80 13.20
CA ALA A 779 -47.77 -2.88 14.15
C ALA A 779 -48.39 -2.45 15.49
N ALA A 780 -47.79 -1.46 16.14
CA ALA A 780 -48.28 -0.99 17.45
C ALA A 780 -49.74 -0.54 17.44
N LEU A 781 -50.17 -0.01 16.30
CA LEU A 781 -51.54 0.48 16.16
C LEU A 781 -52.55 -0.54 15.64
N GLY A 782 -52.05 -1.67 15.13
CA GLY A 782 -52.95 -2.69 14.60
C GLY A 782 -53.21 -2.44 13.13
N LEU A 783 -53.12 -1.18 12.74
CA LEU A 783 -53.32 -0.76 11.37
C LEU A 783 -52.83 -1.82 10.38
N PRO A 784 -53.52 -1.98 9.24
CA PRO A 784 -53.10 -2.99 8.25
C PRO A 784 -51.72 -2.67 7.74
N GLU A 785 -50.99 -3.69 7.30
CA GLU A 785 -49.65 -3.46 6.78
C GLU A 785 -49.73 -2.26 5.86
N ALA A 786 -48.80 -1.32 6.07
CA ALA A 786 -48.74 -0.13 5.26
C ALA A 786 -47.71 -0.34 4.15
N LEU A 787 -46.63 -1.06 4.46
CA LEU A 787 -45.59 -1.32 3.48
C LEU A 787 -45.14 -2.76 3.59
N ILE A 788 -44.89 -3.37 2.44
CA ILE A 788 -44.47 -4.77 2.37
C ILE A 788 -43.01 -5.03 2.02
N PRO A 789 -42.41 -6.02 2.70
CA PRO A 789 -41.02 -6.37 2.46
C PRO A 789 -40.68 -6.37 0.98
N VAL A 790 -41.50 -7.07 0.20
CA VAL A 790 -41.27 -7.18 -1.23
C VAL A 790 -41.17 -5.81 -1.89
N GLN A 791 -41.71 -4.81 -1.21
CA GLN A 791 -41.66 -3.43 -1.69
C GLN A 791 -40.33 -2.84 -1.19
N LEU A 792 -40.30 -2.65 0.12
CA LEU A 792 -39.16 -2.10 0.83
C LEU A 792 -37.86 -2.54 0.18
N LEU A 793 -37.81 -3.80 -0.26
CA LEU A 793 -36.61 -4.28 -0.91
C LEU A 793 -36.38 -3.47 -2.18
N TRP A 794 -37.36 -3.45 -3.09
CA TRP A 794 -37.23 -2.70 -4.32
C TRP A 794 -36.64 -1.32 -4.08
N VAL A 795 -37.23 -0.63 -3.12
CA VAL A 795 -36.80 0.70 -2.75
C VAL A 795 -35.32 0.71 -2.37
N ASN A 796 -35.00 0.04 -1.27
CA ASN A 796 -33.64 -0.04 -0.74
C ASN A 796 -32.62 -0.61 -1.70
N LEU A 797 -33.12 -1.16 -2.80
CA LEU A 797 -32.24 -1.71 -3.81
C LEU A 797 -32.17 -0.85 -5.05
N VAL A 798 -33.31 -0.37 -5.54
CA VAL A 798 -33.29 0.43 -6.75
C VAL A 798 -33.71 1.87 -6.63
N THR A 799 -34.94 2.15 -6.21
CA THR A 799 -35.36 3.53 -6.10
C THR A 799 -34.47 4.29 -5.11
N ASP A 800 -33.76 3.57 -4.24
CA ASP A 800 -32.87 4.21 -3.27
C ASP A 800 -31.40 4.17 -3.71
N GLY A 801 -31.06 3.16 -4.51
CA GLY A 801 -29.69 2.98 -4.98
C GLY A 801 -29.22 4.03 -5.97
N LEU A 802 -29.96 4.20 -7.06
CA LEU A 802 -29.59 5.15 -8.09
C LEU A 802 -29.32 6.57 -7.59
N PRO A 803 -29.90 6.95 -6.45
CA PRO A 803 -29.58 8.32 -6.00
C PRO A 803 -28.36 8.23 -5.08
N ALA A 804 -28.30 7.15 -4.31
CA ALA A 804 -27.19 6.93 -3.40
C ALA A 804 -25.85 6.82 -4.15
N THR A 805 -25.78 5.90 -5.11
CA THR A 805 -24.56 5.68 -5.87
C THR A 805 -24.22 6.85 -6.80
N ALA A 806 -25.16 7.77 -6.97
CA ALA A 806 -24.89 8.92 -7.81
C ALA A 806 -24.30 9.94 -6.87
N LEU A 807 -24.70 9.84 -5.60
CA LEU A 807 -24.19 10.73 -4.58
C LEU A 807 -22.70 10.51 -4.44
N GLY A 808 -22.22 9.34 -4.88
CA GLY A 808 -20.81 9.05 -4.79
C GLY A 808 -19.94 10.02 -5.58
N PHE A 809 -20.58 10.82 -6.42
CA PHE A 809 -19.87 11.78 -7.25
C PHE A 809 -19.99 13.24 -6.78
N ASN A 810 -20.62 13.43 -5.63
CA ASN A 810 -20.79 14.75 -5.06
C ASN A 810 -19.51 15.56 -5.04
N PRO A 811 -19.42 16.63 -5.87
CA PRO A 811 -18.29 17.54 -6.00
C PRO A 811 -17.37 17.65 -4.75
N PRO A 812 -16.09 17.23 -4.87
CA PRO A 812 -15.10 17.25 -3.80
C PRO A 812 -14.87 18.62 -3.16
N ASP A 813 -14.87 18.66 -1.83
CA ASP A 813 -14.63 19.91 -1.09
C ASP A 813 -13.33 20.53 -1.56
N LEU A 814 -13.21 21.83 -1.35
CA LEU A 814 -12.03 22.55 -1.79
C LEU A 814 -10.91 22.50 -0.75
N ASP A 815 -11.28 22.23 0.49
CA ASP A 815 -10.31 22.21 1.58
C ASP A 815 -9.80 20.83 1.98
N ILE A 816 -10.11 19.81 1.19
CA ILE A 816 -9.70 18.45 1.52
C ILE A 816 -8.29 18.29 2.08
N MET A 817 -7.27 18.51 1.26
CA MET A 817 -5.88 18.39 1.71
C MET A 817 -5.43 19.53 2.62
N ASP A 818 -6.39 20.14 3.30
CA ASP A 818 -6.13 21.25 4.22
C ASP A 818 -6.70 20.98 5.60
N ARG A 819 -7.03 19.74 5.87
CA ARG A 819 -7.56 19.33 7.16
C ARG A 819 -6.82 18.07 7.58
N PRO A 820 -6.39 17.97 8.84
CA PRO A 820 -5.68 16.77 9.29
C PRO A 820 -6.38 15.53 8.78
N PRO A 821 -5.64 14.43 8.56
CA PRO A 821 -6.38 13.27 8.06
C PRO A 821 -7.45 12.88 9.07
N ARG A 822 -8.60 12.45 8.55
CA ARG A 822 -9.73 12.05 9.38
C ARG A 822 -9.36 11.13 10.55
N SER A 823 -10.25 11.00 11.51
CA SER A 823 -9.99 10.10 12.62
C SER A 823 -10.64 8.78 12.20
N PRO A 824 -10.17 7.65 12.74
CA PRO A 824 -10.79 6.38 12.35
C PRO A 824 -12.00 6.16 13.24
N LYS A 825 -11.81 6.46 14.52
CA LYS A 825 -12.83 6.32 15.54
C LYS A 825 -14.04 7.22 15.30
N GLU A 826 -13.87 8.28 14.51
CA GLU A 826 -14.97 9.20 14.25
C GLU A 826 -16.15 8.43 13.66
N PRO A 827 -17.27 8.38 14.39
CA PRO A 827 -18.49 7.67 13.96
C PRO A 827 -19.25 8.38 12.82
N LEU A 828 -19.94 7.61 11.99
CA LEU A 828 -20.67 8.20 10.87
C LEU A 828 -21.89 9.03 11.24
N ILE A 829 -22.67 8.60 12.23
CA ILE A 829 -23.86 9.36 12.60
C ILE A 829 -24.04 9.52 14.12
N SER A 830 -23.82 10.74 14.62
CA SER A 830 -23.95 11.05 16.05
C SER A 830 -24.36 12.50 16.33
N GLY A 831 -24.24 12.91 17.59
CA GLY A 831 -24.59 14.27 17.97
C GLY A 831 -25.90 14.74 17.40
N TRP A 832 -26.05 16.05 17.23
CA TRP A 832 -27.28 16.60 16.67
C TRP A 832 -27.68 15.88 15.38
N LEU A 833 -26.68 15.36 14.65
CA LEU A 833 -26.97 14.66 13.41
C LEU A 833 -27.92 13.49 13.68
N PHE A 834 -27.62 12.76 14.75
CA PHE A 834 -28.42 11.63 15.18
C PHE A 834 -29.84 12.15 15.33
N PHE A 835 -29.97 13.16 16.17
CA PHE A 835 -31.23 13.83 16.44
C PHE A 835 -31.97 14.10 15.13
N ARG A 836 -31.26 14.64 14.15
CA ARG A 836 -31.86 14.95 12.85
C ARG A 836 -32.47 13.76 12.15
N TYR A 837 -31.65 12.77 11.81
CA TYR A 837 -32.14 11.56 11.13
C TYR A 837 -33.13 10.80 12.01
N MET A 838 -33.06 11.06 13.32
CA MET A 838 -33.95 10.44 14.27
C MET A 838 -35.33 11.06 14.08
N ALA A 839 -35.34 12.28 13.57
CA ALA A 839 -36.58 13.03 13.33
C ALA A 839 -37.15 12.79 11.93
N ILE A 840 -36.29 12.85 10.93
CA ILE A 840 -36.72 12.63 9.55
C ILE A 840 -37.34 11.22 9.44
N GLY A 841 -36.71 10.26 10.10
CA GLY A 841 -37.23 8.92 10.07
C GLY A 841 -38.54 8.86 10.80
N GLY A 842 -38.60 9.48 11.98
CA GLY A 842 -39.82 9.46 12.76
C GLY A 842 -40.92 10.13 11.94
N TYR A 843 -40.49 10.96 10.98
CA TYR A 843 -41.42 11.66 10.12
C TYR A 843 -41.97 10.78 9.02
N VAL A 844 -41.08 10.21 8.22
CA VAL A 844 -41.47 9.35 7.12
C VAL A 844 -42.26 8.14 7.64
N GLY A 845 -41.88 7.64 8.82
CA GLY A 845 -42.54 6.50 9.42
C GLY A 845 -44.04 6.68 9.57
N ALA A 846 -44.42 7.91 9.93
CA ALA A 846 -45.81 8.26 10.11
C ALA A 846 -46.39 8.74 8.77
N ALA A 847 -45.59 9.51 8.04
CA ALA A 847 -46.02 10.04 6.73
C ALA A 847 -46.48 8.89 5.84
N THR A 848 -45.78 7.78 5.91
CA THR A 848 -46.11 6.61 5.11
C THR A 848 -47.33 5.94 5.75
N VAL A 849 -47.17 5.49 6.99
CA VAL A 849 -48.23 4.82 7.75
C VAL A 849 -49.55 5.60 7.66
N GLY A 850 -49.50 6.88 8.00
CA GLY A 850 -50.68 7.72 7.92
C GLY A 850 -51.21 7.73 6.50
N ALA A 851 -50.31 7.78 5.51
CA ALA A 851 -50.70 7.79 4.10
C ALA A 851 -51.60 6.62 3.74
N ALA A 852 -51.12 5.40 3.97
CA ALA A 852 -51.89 4.20 3.68
C ALA A 852 -53.25 4.23 4.39
N ALA A 853 -53.22 4.56 5.68
CA ALA A 853 -54.43 4.65 6.51
C ALA A 853 -55.39 5.75 6.05
N TRP A 854 -54.83 6.82 5.49
CA TRP A 854 -55.64 7.93 5.00
C TRP A 854 -56.61 7.40 3.95
N TRP A 855 -56.05 6.75 2.93
CA TRP A 855 -56.85 6.18 1.88
C TRP A 855 -57.90 5.31 2.53
N PHE A 856 -57.69 5.02 3.80
CA PHE A 856 -58.62 4.21 4.56
C PHE A 856 -59.61 5.07 5.33
N MET A 857 -59.20 6.27 5.74
CA MET A 857 -60.08 7.12 6.52
C MET A 857 -60.58 8.48 6.02
N TYR A 858 -60.27 8.85 4.78
CA TYR A 858 -60.74 10.15 4.28
C TYR A 858 -60.84 10.19 2.77
N ALA A 859 -60.03 9.38 2.09
CA ALA A 859 -60.07 9.35 0.64
C ALA A 859 -61.44 8.83 0.24
N GLU A 860 -61.97 9.34 -0.85
CA GLU A 860 -63.28 8.94 -1.34
C GLU A 860 -63.30 7.57 -2.01
N ASP A 861 -62.24 7.24 -2.73
CA ASP A 861 -62.17 5.97 -3.43
C ASP A 861 -61.99 4.73 -2.54
N GLY A 862 -62.45 4.84 -1.29
CA GLY A 862 -62.35 3.73 -0.36
C GLY A 862 -62.64 4.21 1.05
N PRO A 863 -63.91 4.48 1.38
CA PRO A 863 -64.23 4.95 2.72
C PRO A 863 -63.90 3.92 3.81
N GLY A 864 -63.54 4.42 4.99
CA GLY A 864 -63.20 3.53 6.09
C GLY A 864 -63.63 4.15 7.38
N VAL A 865 -63.64 3.36 8.45
CA VAL A 865 -64.08 3.87 9.74
C VAL A 865 -63.32 5.11 10.18
N THR A 866 -63.96 6.27 10.04
CA THR A 866 -63.39 7.56 10.39
C THR A 866 -63.19 7.71 11.91
N TYR A 867 -63.63 6.71 12.67
CA TYR A 867 -63.46 6.77 14.12
C TYR A 867 -62.20 5.99 14.51
N HIS A 868 -61.44 5.56 13.50
CA HIS A 868 -60.20 4.81 13.70
C HIS A 868 -60.45 3.34 13.94
N GLN A 869 -61.70 2.89 13.77
CA GLN A 869 -62.02 1.48 13.98
C GLN A 869 -61.66 0.62 12.79
N LEU A 870 -60.47 0.82 12.27
CA LEU A 870 -59.98 0.06 11.13
C LEU A 870 -58.92 -0.77 11.81
N THR A 871 -58.57 -0.28 12.99
CA THR A 871 -57.59 -0.86 13.87
C THR A 871 -57.84 -2.35 14.08
N HIS A 872 -59.11 -2.68 14.24
CA HIS A 872 -59.53 -4.04 14.50
C HIS A 872 -59.96 -4.76 13.24
N PHE A 873 -59.50 -4.26 12.10
CA PHE A 873 -59.80 -4.83 10.80
C PHE A 873 -59.61 -6.33 10.87
N MET A 874 -58.86 -6.77 11.87
CA MET A 874 -58.59 -8.18 12.07
C MET A 874 -59.93 -8.92 12.16
N GLN A 875 -60.87 -8.31 12.88
CA GLN A 875 -62.21 -8.87 13.07
C GLN A 875 -63.23 -8.14 12.21
N CYS A 876 -63.62 -8.75 11.11
CA CYS A 876 -64.59 -8.16 10.20
C CYS A 876 -65.51 -9.23 9.63
N THR A 877 -64.93 -10.21 8.93
CA THR A 877 -65.73 -11.29 8.35
C THR A 877 -66.41 -12.05 9.50
N GLU A 878 -65.76 -12.04 10.66
CA GLU A 878 -66.25 -12.70 11.88
C GLU A 878 -67.60 -12.11 12.27
N ASP A 879 -67.57 -11.08 13.10
CA ASP A 879 -68.78 -10.38 13.52
C ASP A 879 -69.20 -9.58 12.30
N HIS A 880 -69.34 -10.26 11.16
CA HIS A 880 -69.73 -9.60 9.92
C HIS A 880 -70.71 -8.47 10.20
N PRO A 881 -71.69 -8.73 11.08
CA PRO A 881 -72.67 -7.68 11.40
C PRO A 881 -72.25 -6.83 12.61
N HIS A 882 -70.96 -6.80 12.91
CA HIS A 882 -70.48 -6.00 14.03
C HIS A 882 -70.72 -4.53 13.73
N PHE A 883 -69.65 -3.79 13.46
CA PHE A 883 -69.78 -2.37 13.15
C PHE A 883 -69.56 -2.11 11.67
N GLU A 884 -69.48 -3.18 10.90
CA GLU A 884 -69.28 -3.05 9.47
C GLU A 884 -70.26 -3.94 8.72
N GLY A 885 -70.84 -3.38 7.66
CA GLY A 885 -71.77 -4.11 6.82
C GLY A 885 -71.11 -3.90 5.46
N LEU A 886 -69.80 -3.75 5.56
CA LEU A 886 -68.89 -3.49 4.45
C LEU A 886 -68.22 -4.76 3.87
N ASP A 887 -67.50 -4.55 2.77
CA ASP A 887 -66.76 -5.63 2.09
C ASP A 887 -65.45 -5.82 2.82
N CYS A 888 -65.42 -6.75 3.77
CA CYS A 888 -64.23 -6.99 4.57
C CYS A 888 -62.89 -7.06 3.84
N GLU A 889 -62.89 -7.53 2.60
CA GLU A 889 -61.64 -7.66 1.82
C GLU A 889 -60.93 -6.35 1.43
N ILE A 890 -61.55 -5.20 1.68
CA ILE A 890 -60.95 -3.91 1.33
C ILE A 890 -59.68 -3.60 2.10
N PHE A 891 -59.54 -4.16 3.30
CA PHE A 891 -58.34 -3.90 4.06
C PHE A 891 -57.06 -4.28 3.32
N GLU A 892 -57.11 -5.36 2.54
CA GLU A 892 -55.94 -5.80 1.78
C GLU A 892 -55.96 -5.12 0.41
N ALA A 893 -56.45 -3.87 0.38
CA ALA A 893 -56.53 -3.11 -0.85
C ALA A 893 -55.17 -2.60 -1.30
N PRO A 894 -54.91 -2.62 -2.62
CA PRO A 894 -53.64 -2.13 -3.15
C PRO A 894 -53.44 -0.63 -3.01
N GLU A 895 -54.49 0.13 -3.26
CA GLU A 895 -54.44 1.57 -3.18
C GLU A 895 -53.80 2.14 -1.91
N PRO A 896 -54.20 1.62 -0.74
CA PRO A 896 -53.60 2.16 0.50
C PRO A 896 -52.08 2.04 0.60
N MET A 897 -51.55 0.91 0.15
CA MET A 897 -50.11 0.68 0.22
C MET A 897 -49.34 1.42 -0.85
N THR A 898 -49.93 1.60 -2.04
CA THR A 898 -49.21 2.35 -3.06
C THR A 898 -49.21 3.79 -2.56
N MET A 899 -50.09 4.08 -1.61
CA MET A 899 -50.13 5.42 -1.06
C MET A 899 -48.80 5.61 -0.34
N ALA A 900 -48.66 4.99 0.83
CA ALA A 900 -47.42 5.08 1.60
C ALA A 900 -46.16 4.83 0.77
N LEU A 901 -46.12 3.70 0.09
CA LEU A 901 -44.98 3.34 -0.72
C LEU A 901 -44.60 4.39 -1.76
N SER A 902 -45.48 5.34 -1.99
CA SER A 902 -45.16 6.39 -2.95
C SER A 902 -44.75 7.63 -2.18
N VAL A 903 -45.17 7.73 -0.92
CA VAL A 903 -44.80 8.86 -0.07
C VAL A 903 -43.40 8.55 0.48
N LEU A 904 -43.05 7.26 0.46
CA LEU A 904 -41.73 6.80 0.91
C LEU A 904 -40.81 7.21 -0.22
N VAL A 905 -41.02 6.59 -1.38
CA VAL A 905 -40.24 6.87 -2.59
C VAL A 905 -39.85 8.34 -2.65
N THR A 906 -40.86 9.18 -2.81
CA THR A 906 -40.64 10.60 -2.89
C THR A 906 -39.81 11.15 -1.72
N ILE A 907 -40.26 10.93 -0.49
CA ILE A 907 -39.55 11.42 0.68
C ILE A 907 -38.05 11.14 0.64
N GLU A 908 -37.69 10.09 -0.09
CA GLU A 908 -36.29 9.72 -0.21
C GLU A 908 -35.66 10.44 -1.39
N MET A 909 -36.40 10.59 -2.48
CA MET A 909 -35.91 11.28 -3.67
C MET A 909 -35.69 12.72 -3.25
N CYS A 910 -36.22 13.03 -2.08
CA CYS A 910 -36.13 14.36 -1.47
C CYS A 910 -35.02 14.34 -0.43
N ASN A 911 -35.08 13.38 0.49
CA ASN A 911 -34.08 13.26 1.55
C ASN A 911 -32.71 13.10 0.89
N ALA A 912 -32.71 12.47 -0.29
CA ALA A 912 -31.49 12.29 -1.06
C ALA A 912 -30.98 13.61 -1.61
N LEU A 913 -31.44 14.73 -1.06
CA LEU A 913 -31.00 16.04 -1.53
C LEU A 913 -30.64 16.89 -0.35
N ASN A 914 -31.20 16.53 0.80
CA ASN A 914 -30.91 17.24 2.04
C ASN A 914 -29.62 16.54 2.47
N SER A 915 -28.99 15.95 1.46
CA SER A 915 -27.76 15.18 1.60
C SER A 915 -26.55 15.73 0.83
N LEU A 916 -26.80 16.27 -0.38
CA LEU A 916 -25.71 16.83 -1.18
C LEU A 916 -24.80 17.63 -0.26
N SER A 917 -25.36 18.03 0.87
CA SER A 917 -24.64 18.78 1.87
C SER A 917 -25.13 18.26 3.22
N GLU A 918 -24.39 18.56 4.28
CA GLU A 918 -24.81 18.10 5.59
C GLU A 918 -25.57 19.22 6.26
N ASN A 919 -25.02 20.43 6.20
CA ASN A 919 -25.66 21.58 6.84
C ASN A 919 -25.86 22.78 5.93
N GLN A 920 -25.19 22.78 4.79
CA GLN A 920 -25.29 23.90 3.86
C GLN A 920 -26.65 23.80 3.17
N SER A 921 -27.56 24.71 3.49
CA SER A 921 -28.89 24.71 2.90
C SER A 921 -28.85 24.42 1.41
N LEU A 922 -29.95 23.87 0.89
CA LEU A 922 -30.02 23.56 -0.53
C LEU A 922 -29.95 24.82 -1.38
N MET A 923 -30.38 25.94 -0.81
CA MET A 923 -30.33 27.19 -1.55
C MET A 923 -28.88 27.69 -1.51
N ARG A 924 -28.07 27.08 -0.62
CA ARG A 924 -26.66 27.41 -0.51
C ARG A 924 -25.90 26.36 -1.33
N MET A 925 -26.60 25.27 -1.63
CA MET A 925 -26.07 24.17 -2.45
C MET A 925 -27.24 23.51 -3.16
N PRO A 926 -27.72 24.16 -4.22
CA PRO A 926 -28.85 23.64 -5.00
C PRO A 926 -28.57 22.24 -5.50
N PRO A 927 -29.61 21.45 -5.68
CA PRO A 927 -29.40 20.09 -6.17
C PRO A 927 -28.63 20.09 -7.46
N TRP A 928 -28.75 21.15 -8.26
CA TRP A 928 -28.03 21.17 -9.53
C TRP A 928 -26.53 21.32 -9.37
N VAL A 929 -26.04 21.08 -8.16
CA VAL A 929 -24.62 21.13 -7.84
C VAL A 929 -24.08 19.76 -8.26
N ASN A 930 -25.02 18.87 -8.56
CA ASN A 930 -24.70 17.51 -8.96
C ASN A 930 -25.67 17.16 -10.07
N ILE A 931 -25.17 17.04 -11.29
CA ILE A 931 -26.04 16.70 -12.41
C ILE A 931 -26.54 15.27 -12.29
N TRP A 932 -25.68 14.41 -11.77
CA TRP A 932 -26.02 13.00 -11.61
C TRP A 932 -27.24 12.78 -10.71
N LEU A 933 -27.15 13.26 -9.48
CA LEU A 933 -28.22 13.11 -8.52
C LEU A 933 -29.59 13.42 -9.11
N LEU A 934 -29.70 14.52 -9.84
CA LEU A 934 -30.99 14.84 -10.43
C LEU A 934 -31.36 13.75 -11.39
N GLY A 935 -30.61 13.67 -12.50
CA GLY A 935 -30.89 12.63 -13.47
C GLY A 935 -31.29 11.32 -12.83
N SER A 936 -30.46 10.84 -11.90
CA SER A 936 -30.74 9.58 -11.20
C SER A 936 -32.17 9.54 -10.66
N ILE A 937 -32.53 10.56 -9.89
CA ILE A 937 -33.87 10.65 -9.32
C ILE A 937 -34.94 10.36 -10.37
N CYS A 938 -34.74 10.87 -11.58
CA CYS A 938 -35.69 10.68 -12.66
C CYS A 938 -35.79 9.25 -13.14
N LEU A 939 -34.63 8.62 -13.25
CA LEU A 939 -34.56 7.23 -13.69
C LEU A 939 -35.30 6.32 -12.68
N SER A 940 -35.26 6.72 -11.41
CA SER A 940 -35.91 5.98 -10.34
C SER A 940 -37.42 6.17 -10.39
N MET A 941 -37.84 7.41 -10.65
CA MET A 941 -39.26 7.74 -10.74
C MET A 941 -39.93 7.12 -11.93
N SER A 942 -39.30 7.19 -13.10
CA SER A 942 -39.90 6.55 -14.27
C SER A 942 -39.99 5.05 -13.91
N LEU A 943 -39.10 4.62 -13.01
CA LEU A 943 -39.04 3.26 -12.51
C LEU A 943 -40.22 2.98 -11.59
N HIS A 944 -40.28 3.68 -10.46
CA HIS A 944 -41.38 3.50 -9.54
C HIS A 944 -42.67 3.41 -10.35
N PHE A 945 -42.77 4.23 -11.40
CA PHE A 945 -43.95 4.23 -12.27
C PHE A 945 -44.03 2.95 -13.05
N LEU A 946 -42.89 2.32 -13.25
CA LEU A 946 -42.83 1.07 -13.97
C LEU A 946 -43.57 -0.02 -13.20
N ILE A 947 -43.63 0.12 -11.87
CA ILE A 947 -44.31 -0.86 -11.02
C ILE A 947 -45.81 -0.59 -10.85
N LEU A 948 -46.29 0.42 -11.54
CA LEU A 948 -47.69 0.72 -11.45
C LEU A 948 -48.32 0.36 -12.78
N TYR A 949 -47.68 0.82 -13.85
CA TYR A 949 -48.19 0.60 -15.20
C TYR A 949 -47.89 -0.73 -15.88
N VAL A 950 -46.71 -1.29 -15.67
CA VAL A 950 -46.41 -2.55 -16.33
C VAL A 950 -47.08 -3.73 -15.66
N ASP A 951 -48.23 -4.11 -16.21
CA ASP A 951 -49.07 -5.19 -15.71
C ASP A 951 -48.40 -6.31 -14.91
N PRO A 952 -47.41 -7.00 -15.50
CA PRO A 952 -46.83 -8.06 -14.67
C PRO A 952 -46.43 -7.56 -13.27
N LEU A 953 -45.88 -6.35 -13.21
CA LEU A 953 -45.40 -5.79 -11.95
C LEU A 953 -46.39 -5.47 -10.84
N PRO A 954 -47.30 -4.52 -11.09
CA PRO A 954 -48.30 -4.11 -10.09
C PRO A 954 -48.94 -5.25 -9.33
N MET A 955 -49.31 -6.31 -10.02
CA MET A 955 -49.95 -7.43 -9.35
C MET A 955 -49.03 -7.98 -8.28
N ILE A 956 -47.73 -7.71 -8.42
CA ILE A 956 -46.74 -8.18 -7.45
C ILE A 956 -46.75 -7.22 -6.28
N PHE A 957 -47.01 -5.96 -6.59
CA PHE A 957 -47.05 -4.93 -5.58
C PHE A 957 -48.45 -4.38 -5.48
N LYS A 958 -48.60 -3.06 -5.63
CA LYS A 958 -49.91 -2.44 -5.55
C LYS A 958 -50.23 -1.66 -6.83
N LEU A 959 -51.53 -1.49 -7.08
CA LEU A 959 -52.03 -0.78 -8.28
C LEU A 959 -51.74 0.72 -8.28
N LYS A 960 -52.06 1.36 -9.41
CA LYS A 960 -51.83 2.80 -9.63
C LYS A 960 -52.60 3.76 -8.73
N ALA A 961 -52.00 4.94 -8.52
CA ALA A 961 -52.59 6.01 -7.71
C ALA A 961 -53.28 7.01 -8.66
N LEU A 962 -54.42 7.59 -8.27
CA LEU A 962 -55.15 8.55 -9.12
C LEU A 962 -54.39 9.87 -9.20
N ASP A 963 -53.83 10.16 -10.35
CA ASP A 963 -53.09 11.40 -10.54
C ASP A 963 -53.91 12.59 -10.05
N LEU A 964 -53.22 13.60 -9.53
CA LEU A 964 -53.86 14.80 -9.00
C LEU A 964 -55.14 14.53 -8.23
N THR A 965 -55.00 13.84 -7.11
CA THR A 965 -56.15 13.50 -6.30
C THR A 965 -55.58 12.69 -5.18
N GLN A 966 -54.78 11.76 -5.65
CA GLN A 966 -54.06 10.80 -4.86
C GLN A 966 -52.56 11.11 -4.96
N TRP A 967 -52.06 11.43 -6.16
CA TRP A 967 -50.65 11.76 -6.24
C TRP A 967 -50.45 13.09 -5.56
N LEU A 968 -51.31 14.04 -5.90
CA LEU A 968 -51.20 15.34 -5.29
C LEU A 968 -51.26 15.16 -3.79
N MET A 969 -52.08 14.21 -3.36
CA MET A 969 -52.17 13.94 -1.95
C MET A 969 -50.77 13.50 -1.52
N VAL A 970 -50.14 12.65 -2.32
CA VAL A 970 -48.80 12.15 -2.01
C VAL A 970 -47.84 13.31 -1.77
N LEU A 971 -47.81 14.24 -2.72
CA LEU A 971 -46.93 15.39 -2.63
C LEU A 971 -47.14 16.28 -1.41
N LYS A 972 -48.38 16.43 -0.97
CA LYS A 972 -48.65 17.27 0.19
C LYS A 972 -48.21 16.57 1.49
N ILE A 973 -47.54 15.44 1.35
CA ILE A 973 -47.06 14.69 2.49
C ILE A 973 -45.55 14.71 2.57
N SER A 974 -44.91 14.26 1.49
CA SER A 974 -43.44 14.20 1.40
C SER A 974 -42.74 15.58 1.33
N LEU A 975 -42.78 16.22 0.15
CA LEU A 975 -42.14 17.53 -0.08
C LEU A 975 -41.82 18.33 1.17
N PRO A 976 -42.74 18.39 2.15
CA PRO A 976 -42.51 19.13 3.39
C PRO A 976 -41.20 18.71 4.12
N VAL A 977 -40.83 17.45 3.98
CA VAL A 977 -39.61 16.90 4.60
C VAL A 977 -38.48 17.90 4.47
N ILE A 978 -38.08 18.14 3.22
CA ILE A 978 -37.01 19.06 2.89
C ILE A 978 -36.97 20.21 3.88
N GLY A 979 -38.15 20.76 4.19
CA GLY A 979 -38.24 21.85 5.12
C GLY A 979 -37.68 21.39 6.44
N LEU A 980 -38.31 20.34 6.96
CA LEU A 980 -37.92 19.71 8.23
C LEU A 980 -36.40 19.56 8.37
N ASP A 981 -35.73 19.38 7.24
CA ASP A 981 -34.27 19.23 7.22
C ASP A 981 -33.65 20.62 7.15
N GLU A 982 -34.02 21.39 6.13
CA GLU A 982 -33.52 22.75 5.94
C GLU A 982 -33.62 23.48 7.26
N ILE A 983 -34.60 23.04 8.05
CA ILE A 983 -34.87 23.60 9.36
C ILE A 983 -33.81 23.13 10.37
N LEU A 984 -33.50 21.84 10.37
CA LEU A 984 -32.50 21.30 11.27
C LEU A 984 -31.16 21.82 10.75
N LYS A 985 -31.02 21.79 9.43
CA LYS A 985 -29.83 22.28 8.74
C LYS A 985 -29.60 23.73 9.15
N PHE A 986 -30.66 24.41 9.54
CA PHE A 986 -30.53 25.80 9.95
C PHE A 986 -30.07 25.88 11.38
N ILE A 987 -30.37 24.86 12.17
CA ILE A 987 -29.97 24.86 13.56
C ILE A 987 -28.45 24.93 13.63
N ALA A 988 -27.81 25.05 12.45
CA ALA A 988 -26.36 25.17 12.32
C ALA A 988 -25.96 26.55 12.80
N ARG A 989 -26.50 27.55 12.13
CA ARG A 989 -26.25 28.93 12.49
C ARG A 989 -26.55 29.13 13.98
N ASN A 990 -27.55 28.43 14.52
CA ASN A 990 -27.92 28.59 15.92
C ASN A 990 -27.08 27.83 16.94
N TYR A 991 -25.93 27.39 16.49
CA TYR A 991 -24.96 26.74 17.35
C TYR A 991 -23.66 27.30 16.79
N LEU A 992 -22.53 27.06 17.45
CA LEU A 992 -21.25 27.60 16.98
C LEU A 992 -20.72 27.00 15.67
N GLU A 993 -20.31 25.73 15.72
CA GLU A 993 -19.75 25.02 14.56
C GLU A 993 -20.40 25.40 13.22
N GLY A 994 -19.66 25.19 12.14
CA GLY A 994 -20.18 25.50 10.81
C GLY A 994 -19.38 24.81 9.72
C34 AD4 B . -22.65 4.60 15.23
C11 AD4 B . -23.85 3.63 14.97
C7 AD4 B . -25.25 4.38 14.90
C8 AD4 B . -25.49 5.29 13.60
C9 AD4 B . -26.85 6.01 13.47
C10 AD4 B . -28.22 5.26 13.72
C1 AD4 B . -28.47 4.45 15.12
C2 AD4 B . -29.97 4.02 15.30
O1 AD4 B . -30.52 4.53 16.56
C13 AD4 B . -31.90 4.84 16.48
O2 AD4 B . -32.47 5.41 15.53
C14 AD4 B . -32.63 4.33 17.75
C15 AD4 B . -33.76 3.29 17.50
C16 AD4 B . -35.24 3.80 17.38
C17 AD4 B . -36.04 3.16 16.20
C18 AD4 B . -36.97 1.97 16.62
C19 AD4 B . -38.46 2.30 16.73
C20 AD4 B . -38.92 1.97 18.16
C3 AD4 B . -30.05 2.51 15.44
O3 AD4 B . -30.82 2.18 14.17
C21 AD4 B . -31.80 1.25 14.20
O4 AD4 B . -32.01 0.41 15.19
C22 AD4 B . -32.72 1.23 12.91
C23 AD4 B . -34.14 1.13 13.35
C24 AD4 B . -32.47 1.27 11.61
C25 AD4 B . -31.17 1.35 10.86
C4 AD4 B . -28.60 2.06 15.40
C26 AD4 B . -28.32 0.59 15.53
C5 AD4 B . -27.72 3.12 15.22
C6 AD4 B . -26.14 3.11 15.12
O5 AD4 B . -25.52 2.59 16.31
C12 AD4 B . -24.17 2.62 16.08
O12 AD4 B . -23.33 1.93 16.67
C31 AD4 B . -28.48 4.37 12.44
O9 AD4 B . -29.29 6.26 13.45
C32 AD4 B . -29.74 7.34 14.06
O10 AD4 B . -30.05 7.41 15.23
C33 AD4 B . -29.81 8.45 13.10
O7 AD4 B . -25.23 4.47 12.41
C27 AD4 B . -24.15 4.77 11.54
O8 AD4 B . -23.31 5.68 11.63
C28 AD4 B . -24.14 3.75 10.43
C29 AD4 B . -22.70 3.54 9.92
C30 AD4 B . -22.35 2.07 10.19
O6 AD4 B . -25.46 5.24 16.10
O11 AD4 B . -23.47 2.72 13.87
C57 AD4 B . -25.20 -8.79 2.74
C56 AD4 B . -26.42 -8.08 3.32
C55 AD4 B . -26.90 -8.87 4.58
C54 AD4 B . -27.53 -8.06 2.26
O2T AD4 B . -26.02 -6.69 3.68
C53 AD4 B . -26.99 -6.02 4.41
O1T AD4 B . -28.17 -6.38 4.32
N1T AD4 B . -26.64 -5.01 5.20
C52 AD4 B . -25.26 -4.54 5.35
C51 AD4 B . -25.19 -3.03 5.05
C50 AD4 B . -23.73 -2.53 5.07
C49 AD4 B . -23.59 -1.08 5.57
C48 AD4 B . -23.53 -0.98 7.13
C47 AD4 B . -22.18 -0.43 7.64
C46 AD4 B . -22.21 1.11 7.85
C45 AD4 B . -21.42 1.52 9.11
PG ACP C . 21.01 3.62 -1.52
O1G ACP C . 20.91 5.03 -0.97
O2G ACP C . 19.94 2.76 -0.94
O3G ACP C . 21.04 3.59 -3.06
PB ACP C . 23.80 3.72 -2.02
O1B ACP C . 23.70 5.09 -1.42
O2B ACP C . 23.82 3.79 -3.48
C3B ACP C . 22.58 2.91 -1.30
PA ACP C . 26.25 2.21 -0.91
O1A ACP C . 26.32 0.96 -1.78
O2A ACP C . 25.70 1.98 0.48
O3A ACP C . 25.36 3.33 -1.63
O5' ACP C . 27.71 2.83 -1.13
C5' ACP C . 28.36 3.32 0.06
C4' ACP C . 29.57 4.32 0.12
O4' ACP C . 30.45 4.05 -0.93
C3' ACP C . 28.88 5.58 -0.20
O3' ACP C . 28.38 6.19 0.96
C2' ACP C . 29.93 6.36 -1.04
O2' ACP C . 30.72 7.16 -0.18
C1' ACP C . 30.63 5.24 -1.70
N9 ACP C . 30.18 4.87 -3.14
C8 ACP C . 29.05 5.16 -3.82
N7 ACP C . 28.95 4.69 -5.06
C5 ACP C . 30.11 4.06 -5.18
C6 ACP C . 30.73 3.30 -6.25
N6 ACP C . 30.10 3.14 -7.43
N1 ACP C . 31.99 2.74 -6.08
C2 ACP C . 32.67 2.88 -4.89
N3 ACP C . 32.16 3.58 -3.83
C4 ACP C . 30.91 4.14 -4.02
MG MG D . 25.89 2.88 -4.78
MG MG E . 15.03 -1.56 -0.44
NA NA F . -2.27 -4.50 6.71
#